data_5ZQ3
#
_entry.id   5ZQ3
#
_cell.length_a   96.628
_cell.length_b   55.888
_cell.length_c   99.745
_cell.angle_alpha   90.00
_cell.angle_beta   110.50
_cell.angle_gamma   90.00
#
_symmetry.space_group_name_H-M   'P 1 21 1'
#
loop_
_entity.id
_entity.type
_entity.pdbx_description
1 polymer SidE
2 polymer Ubiquitin
3 water water
#
loop_
_entity_poly.entity_id
_entity_poly.type
_entity_poly.pdbx_seq_one_letter_code
_entity_poly.pdbx_strand_id
1 'polypeptide(L)'
;MSVPTWNGFSLYTDETVRNAARYAYDNYLGKPYTGTVEATPVNFGGQMVYRQHHGLAHTLRTMAYAEIIVEEARKAKLRG
ESLKTFADGRTLADVTPEELRKIMIAQAFFVTGRDDEESSKNYEKYHEQSRDAFLKYVEENKSTLIPDVFKDEKDVKFYA
DVIEDKDHKWADSPAHVLVNQGHMVDLVRVKQPPESYLEYYFSQLQPWIGSTATEAVFATQRQFFHATYEAVAGFDSENK
EPHLVVDGLGRYVIGQDGNPIREESDDEDEEESGELKFFSQKKKLEENQRYMRVDEYLKLDEVQKRFPGAGKKLDGGLPG
LKEYQYLQRLNSINRARCENDVDFCLGQLQTAHHQTKITPIKRAFQSSSLEHHHHHH
;
A,B
2 'polypeptide(L)' GSMQIFVKTLTGKTITLEVEPSDTIENVKAKIQDKEGIPPDQQRLIFAGKQLEDGRTLSDYNIQKESTLHLVLRLRGG C,D
#
# COMPACT_ATOMS: atom_id res chain seq x y z
N SER A 2 -7.46 -28.27 13.28
CA SER A 2 -8.78 -27.82 12.86
C SER A 2 -8.75 -27.34 11.41
N VAL A 3 -7.59 -26.89 10.97
CA VAL A 3 -7.46 -26.27 9.66
C VAL A 3 -6.33 -26.95 8.85
N PRO A 4 -6.58 -27.17 7.55
CA PRO A 4 -5.63 -27.86 6.66
C PRO A 4 -4.27 -27.18 6.55
N THR A 5 -3.21 -27.98 6.57
CA THR A 5 -1.83 -27.49 6.52
C THR A 5 -1.54 -26.78 5.19
N TRP A 6 -0.89 -25.62 5.26
CA TRP A 6 -0.68 -24.79 4.07
C TRP A 6 0.67 -25.03 3.39
N ASN A 7 0.68 -24.81 2.08
CA ASN A 7 1.82 -25.08 1.22
C ASN A 7 2.91 -24.02 1.27
N GLY A 8 2.59 -22.90 1.90
CA GLY A 8 3.34 -21.66 1.68
C GLY A 8 2.73 -21.05 0.44
N PHE A 9 1.64 -21.65 -0.03
CA PHE A 9 0.98 -21.23 -1.25
C PHE A 9 0.37 -19.83 -1.10
N SER A 10 0.53 -19.03 -2.14
CA SER A 10 -0.05 -17.70 -2.17
C SER A 10 -0.16 -17.23 -3.60
N LEU A 11 -1.19 -16.44 -3.89
CA LEU A 11 -1.37 -15.80 -5.18
C LEU A 11 -0.13 -15.00 -5.60
N TYR A 12 0.57 -14.45 -4.61
CA TYR A 12 1.66 -13.53 -4.87
C TYR A 12 3.01 -14.20 -5.08
N THR A 13 3.09 -15.51 -4.85
CA THR A 13 4.35 -16.21 -5.04
C THR A 13 4.25 -17.42 -5.97
N ASP A 14 3.05 -18.01 -6.06
CA ASP A 14 2.88 -19.20 -6.88
C ASP A 14 3.04 -18.89 -8.36
N GLU A 15 3.96 -19.60 -9.00
CA GLU A 15 4.29 -19.36 -10.41
C GLU A 15 3.20 -19.85 -11.35
N THR A 16 2.51 -20.93 -10.98
CA THR A 16 1.48 -21.51 -11.83
C THR A 16 0.32 -20.55 -12.02
N VAL A 17 -0.13 -19.98 -10.91
CA VAL A 17 -1.23 -19.04 -10.90
C VAL A 17 -0.87 -17.77 -11.68
N ARG A 18 0.35 -17.29 -11.49
CA ARG A 18 0.81 -16.10 -12.19
C ARG A 18 0.95 -16.36 -13.69
N ASN A 19 1.36 -17.59 -14.04
CA ASN A 19 1.47 -17.97 -15.44
C ASN A 19 0.11 -17.95 -16.14
N ALA A 20 -0.92 -18.42 -15.43
CA ALA A 20 -2.27 -18.44 -15.98
C ALA A 20 -2.76 -17.01 -16.22
N ALA A 21 -2.42 -16.12 -15.31
CA ALA A 21 -2.81 -14.71 -15.42
C ALA A 21 -2.14 -14.05 -16.62
N ARG A 22 -0.84 -14.29 -16.76
CA ARG A 22 -0.07 -13.80 -17.91
C ARG A 22 -0.68 -14.28 -19.21
N TYR A 23 -1.02 -15.57 -19.25
CA TYR A 23 -1.63 -16.18 -20.41
C TYR A 23 -2.98 -15.53 -20.72
N ALA A 24 -3.80 -15.36 -19.69
CA ALA A 24 -5.12 -14.76 -19.84
C ALA A 24 -5.01 -13.33 -20.36
N TYR A 25 -3.98 -12.61 -19.92
CA TYR A 25 -3.76 -11.25 -20.41
C TYR A 25 -3.24 -11.23 -21.85
N ASP A 26 -2.16 -11.97 -22.09
CA ASP A 26 -1.51 -12.00 -23.40
C ASP A 26 -2.46 -12.36 -24.54
N ASN A 27 -3.39 -13.26 -24.26
CA ASN A 27 -4.21 -13.83 -25.32
C ASN A 27 -5.66 -13.37 -25.31
N TYR A 28 -6.09 -12.64 -24.28
CA TYR A 28 -7.48 -12.20 -24.20
C TYR A 28 -7.65 -10.82 -23.57
N LEU A 29 -7.36 -10.71 -22.28
CA LEU A 29 -7.64 -9.49 -21.52
C LEU A 29 -6.89 -8.28 -22.06
N GLY A 30 -5.75 -8.51 -22.69
CA GLY A 30 -4.96 -7.45 -23.26
C GLY A 30 -5.31 -7.13 -24.70
N LYS A 31 -6.33 -7.81 -25.23
CA LYS A 31 -6.77 -7.62 -26.61
C LYS A 31 -8.01 -6.71 -26.66
N PRO A 32 -8.16 -5.96 -27.77
CA PRO A 32 -9.35 -5.12 -27.95
C PRO A 32 -10.65 -5.91 -27.93
N TYR A 33 -11.69 -5.32 -27.33
CA TYR A 33 -13.03 -5.88 -27.42
C TYR A 33 -13.49 -5.89 -28.87
N THR A 34 -14.18 -6.96 -29.28
CA THR A 34 -14.68 -7.07 -30.65
C THR A 34 -16.18 -6.79 -30.74
N GLY A 35 -16.85 -6.75 -29.60
CA GLY A 35 -18.24 -6.36 -29.55
C GLY A 35 -18.38 -4.84 -29.74
N THR A 36 -19.50 -4.28 -29.29
CA THR A 36 -19.75 -2.83 -29.47
C THR A 36 -20.15 -2.06 -28.20
N VAL A 37 -20.55 -2.75 -27.14
CA VAL A 37 -20.87 -2.06 -25.90
C VAL A 37 -19.60 -1.71 -25.13
N GLU A 38 -19.30 -0.41 -25.08
CA GLU A 38 -18.12 0.11 -24.41
C GLU A 38 -16.85 -0.59 -24.88
N ALA A 39 -16.83 -0.94 -26.16
CA ALA A 39 -15.69 -1.66 -26.73
C ALA A 39 -14.58 -0.72 -27.16
N THR A 40 -14.76 0.57 -26.97
CA THR A 40 -13.72 1.51 -27.35
C THR A 40 -12.64 1.61 -26.30
N PRO A 41 -11.38 1.44 -26.70
CA PRO A 41 -10.23 1.49 -25.77
C PRO A 41 -9.85 2.89 -25.25
N VAL A 42 -9.24 2.96 -24.06
CA VAL A 42 -8.75 4.21 -23.53
C VAL A 42 -7.25 4.32 -23.48
N ASN A 43 -6.75 5.51 -23.81
CA ASN A 43 -5.32 5.78 -23.77
C ASN A 43 -5.00 6.45 -22.44
N PHE A 44 -4.92 5.64 -21.39
CA PHE A 44 -4.65 6.10 -20.03
C PHE A 44 -3.53 7.13 -19.92
N GLY A 45 -3.89 8.40 -20.09
CA GLY A 45 -2.94 9.50 -20.02
C GLY A 45 -1.69 9.27 -20.85
N GLY A 46 -1.60 8.09 -21.45
CA GLY A 46 -0.45 7.75 -22.25
C GLY A 46 -0.44 6.40 -22.92
N GLN A 47 -1.02 5.39 -22.30
CA GLN A 47 -1.02 4.06 -22.93
C GLN A 47 -2.42 3.48 -23.04
N MET A 48 -2.58 2.43 -23.82
CA MET A 48 -3.92 1.87 -24.03
C MET A 48 -4.50 0.89 -23.01
N VAL A 49 -5.73 1.10 -22.61
CA VAL A 49 -6.41 0.11 -21.84
C VAL A 49 -7.66 -0.37 -22.53
N TYR A 50 -7.63 -1.59 -22.98
CA TYR A 50 -8.73 -2.18 -23.70
C TYR A 50 -9.95 -2.50 -22.92
N ARG A 51 -9.73 -3.11 -21.77
CA ARG A 51 -10.83 -3.55 -20.90
C ARG A 51 -10.62 -3.00 -19.48
N GLN A 52 -11.01 -1.75 -19.29
CA GLN A 52 -10.82 -1.06 -18.02
C GLN A 52 -11.70 -1.65 -16.93
N HIS A 53 -12.85 -2.19 -17.31
CA HIS A 53 -13.80 -2.70 -16.33
C HIS A 53 -13.55 -4.18 -16.04
N HIS A 54 -13.74 -5.03 -17.04
CA HIS A 54 -13.49 -6.45 -16.87
C HIS A 54 -12.19 -6.87 -17.53
N GLY A 55 -11.08 -6.39 -16.97
CA GLY A 55 -9.77 -6.67 -17.53
C GLY A 55 -8.85 -7.37 -16.55
N LEU A 56 -7.56 -7.10 -16.70
CA LEU A 56 -6.53 -7.72 -15.88
C LEU A 56 -6.64 -7.37 -14.40
N ALA A 57 -6.74 -6.08 -14.09
CA ALA A 57 -6.78 -5.65 -12.68
C ALA A 57 -8.02 -6.19 -11.98
N HIS A 58 -9.16 -6.19 -12.69
CA HIS A 58 -10.38 -6.80 -12.17
C HIS A 58 -10.15 -8.27 -11.84
N THR A 59 -9.63 -9.00 -12.82
CA THR A 59 -9.39 -10.44 -12.69
C THR A 59 -8.47 -10.76 -11.52
N LEU A 60 -7.36 -10.04 -11.41
CA LEU A 60 -6.41 -10.25 -10.33
C LEU A 60 -7.01 -9.95 -8.96
N ARG A 61 -7.87 -8.92 -8.91
CA ARG A 61 -8.56 -8.58 -7.66
C ARG A 61 -9.46 -9.73 -7.21
N THR A 62 -10.16 -10.36 -8.15
CA THR A 62 -11.02 -11.49 -7.79
C THR A 62 -10.18 -12.61 -7.17
N MET A 63 -9.02 -12.86 -7.75
CA MET A 63 -8.11 -13.87 -7.23
C MET A 63 -7.60 -13.48 -5.85
N ALA A 64 -7.37 -12.18 -5.66
CA ALA A 64 -6.93 -11.67 -4.38
C ALA A 64 -8.03 -11.77 -3.32
N TYR A 65 -9.28 -11.58 -3.77
CA TYR A 65 -10.43 -11.78 -2.90
C TYR A 65 -10.48 -13.21 -2.39
N ALA A 66 -10.23 -14.16 -3.29
CA ALA A 66 -10.21 -15.58 -2.94
C ALA A 66 -9.17 -15.88 -1.86
N GLU A 67 -7.98 -15.30 -2.02
CA GLU A 67 -6.91 -15.50 -1.06
C GLU A 67 -7.28 -14.99 0.33
N ILE A 68 -7.86 -13.79 0.40
CA ILE A 68 -8.17 -13.21 1.70
C ILE A 68 -9.43 -13.85 2.31
N ILE A 69 -10.37 -14.29 1.47
CA ILE A 69 -11.59 -14.93 1.97
C ILE A 69 -11.24 -16.26 2.65
N VAL A 70 -10.37 -17.03 2.03
CA VAL A 70 -9.92 -18.28 2.64
C VAL A 70 -9.09 -18.01 3.89
N GLU A 71 -8.19 -17.03 3.82
CA GLU A 71 -7.37 -16.66 4.98
C GLU A 71 -8.25 -16.34 6.20
N GLU A 72 -9.29 -15.53 5.97
CA GLU A 72 -10.17 -15.12 7.05
C GLU A 72 -11.13 -16.24 7.48
N ALA A 73 -11.45 -17.13 6.55
CA ALA A 73 -12.29 -18.28 6.88
C ALA A 73 -11.56 -19.22 7.82
N ARG A 74 -10.28 -19.42 7.57
CA ARG A 74 -9.43 -20.24 8.42
C ARG A 74 -9.36 -19.68 9.84
N LYS A 75 -9.13 -18.37 9.96
CA LYS A 75 -9.08 -17.73 11.26
C LYS A 75 -10.43 -17.81 11.98
N ALA A 76 -11.51 -17.75 11.20
CA ALA A 76 -12.87 -17.80 11.74
C ALA A 76 -13.17 -19.19 12.33
N LYS A 77 -12.72 -20.23 11.65
CA LYS A 77 -12.92 -21.59 12.12
C LYS A 77 -12.12 -21.84 13.40
N LEU A 78 -10.90 -21.31 13.43
CA LEU A 78 -10.03 -21.45 14.59
C LEU A 78 -10.56 -20.68 15.80
N ARG A 79 -11.40 -19.68 15.55
CA ARG A 79 -12.05 -18.94 16.63
C ARG A 79 -13.22 -19.74 17.19
N GLY A 80 -13.60 -20.80 16.49
CA GLY A 80 -14.69 -21.64 16.92
C GLY A 80 -16.02 -21.22 16.31
N GLU A 81 -15.98 -20.34 15.32
CA GLU A 81 -17.20 -19.94 14.62
C GLU A 81 -17.70 -21.09 13.77
N SER A 82 -19.01 -21.17 13.57
CA SER A 82 -19.58 -22.23 12.74
C SER A 82 -20.01 -21.66 11.38
N LEU A 83 -19.27 -22.05 10.35
CA LEU A 83 -19.49 -21.52 9.01
C LEU A 83 -20.43 -22.42 8.21
N LYS A 84 -21.07 -21.86 7.20
CA LYS A 84 -21.98 -22.64 6.35
C LYS A 84 -21.25 -23.78 5.66
N THR A 85 -21.88 -24.95 5.61
CA THR A 85 -21.24 -26.14 5.04
C THR A 85 -21.79 -26.50 3.67
N PHE A 86 -20.95 -27.15 2.87
CA PHE A 86 -21.38 -27.75 1.62
C PHE A 86 -21.85 -29.18 1.88
N ALA A 87 -22.23 -29.89 0.83
CA ALA A 87 -22.78 -31.23 0.96
C ALA A 87 -21.76 -32.24 1.50
N ASP A 88 -20.47 -31.99 1.25
CA ASP A 88 -19.43 -32.91 1.71
C ASP A 88 -18.98 -32.59 3.13
N GLY A 89 -19.63 -31.61 3.75
CA GLY A 89 -19.35 -31.25 5.13
C GLY A 89 -18.31 -30.14 5.28
N ARG A 90 -17.60 -29.84 4.22
CA ARG A 90 -16.53 -28.84 4.28
C ARG A 90 -17.08 -27.41 4.33
N THR A 91 -16.32 -26.52 4.95
CA THR A 91 -16.58 -25.09 4.88
C THR A 91 -15.48 -24.45 4.05
N LEU A 92 -15.55 -23.14 3.85
CA LEU A 92 -14.50 -22.44 3.11
C LEU A 92 -13.16 -22.50 3.86
N ALA A 93 -13.21 -22.77 5.15
CA ALA A 93 -12.00 -22.91 5.95
C ALA A 93 -11.28 -24.20 5.64
N ASP A 94 -11.97 -25.13 4.98
CA ASP A 94 -11.39 -26.44 4.70
C ASP A 94 -10.86 -26.53 3.26
N VAL A 95 -10.73 -25.38 2.61
CA VAL A 95 -10.12 -25.34 1.28
C VAL A 95 -8.62 -25.64 1.40
N THR A 96 -8.14 -26.57 0.59
CA THR A 96 -6.73 -26.96 0.59
C THR A 96 -5.93 -26.02 -0.32
N PRO A 97 -4.60 -25.98 -0.15
CA PRO A 97 -3.75 -25.15 -1.03
C PRO A 97 -3.86 -25.53 -2.49
N GLU A 98 -3.88 -26.84 -2.76
CA GLU A 98 -3.97 -27.36 -4.12
C GLU A 98 -5.29 -26.97 -4.76
N GLU A 99 -6.34 -26.90 -3.94
CA GLU A 99 -7.67 -26.54 -4.41
C GLU A 99 -7.77 -25.05 -4.71
N LEU A 100 -7.19 -24.23 -3.84
CA LEU A 100 -7.23 -22.79 -4.02
C LEU A 100 -6.46 -22.39 -5.27
N ARG A 101 -5.40 -23.14 -5.57
CA ARG A 101 -4.62 -22.90 -6.77
C ARG A 101 -5.45 -23.13 -8.03
N LYS A 102 -6.19 -24.23 -8.06
CA LYS A 102 -7.04 -24.56 -9.19
C LYS A 102 -8.17 -23.54 -9.34
N ILE A 103 -8.68 -23.04 -8.22
CA ILE A 103 -9.75 -22.04 -8.23
C ILE A 103 -9.26 -20.73 -8.85
N MET A 104 -8.06 -20.31 -8.44
CA MET A 104 -7.50 -19.06 -8.93
C MET A 104 -7.19 -19.12 -10.43
N ILE A 105 -6.73 -20.27 -10.90
CA ILE A 105 -6.50 -20.47 -12.32
C ILE A 105 -7.81 -20.32 -13.08
N ALA A 106 -8.87 -20.89 -12.54
CA ALA A 106 -10.20 -20.75 -13.14
C ALA A 106 -10.61 -19.29 -13.15
N GLN A 107 -10.34 -18.59 -12.05
CA GLN A 107 -10.67 -17.18 -11.90
C GLN A 107 -9.97 -16.32 -12.95
N ALA A 108 -8.74 -16.67 -13.27
CA ALA A 108 -7.95 -15.95 -14.26
C ALA A 108 -8.66 -15.92 -15.62
N PHE A 109 -9.47 -16.94 -15.90
CA PHE A 109 -10.10 -17.06 -17.20
C PHE A 109 -11.59 -16.67 -17.21
N PHE A 110 -12.10 -16.22 -16.07
CA PHE A 110 -13.54 -16.10 -15.90
C PHE A 110 -14.19 -15.06 -16.82
N VAL A 111 -13.45 -14.02 -17.19
CA VAL A 111 -14.00 -13.02 -18.12
C VAL A 111 -13.18 -12.87 -19.40
N THR A 112 -12.34 -13.86 -19.69
CA THR A 112 -11.56 -13.85 -20.93
C THR A 112 -12.46 -13.99 -22.15
N GLY A 113 -13.61 -14.62 -21.96
CA GLY A 113 -14.50 -14.92 -23.07
C GLY A 113 -15.38 -13.77 -23.54
N ARG A 114 -15.39 -12.67 -22.80
CA ARG A 114 -16.21 -11.52 -23.16
C ARG A 114 -15.74 -10.89 -24.47
N ASP A 115 -16.69 -10.28 -25.18
CA ASP A 115 -16.38 -9.56 -26.41
C ASP A 115 -16.67 -8.07 -26.25
N ASP A 116 -17.35 -7.74 -25.15
CA ASP A 116 -17.57 -6.36 -24.73
C ASP A 116 -18.12 -6.34 -23.31
N GLU A 117 -18.62 -5.18 -22.88
CA GLU A 117 -19.14 -5.03 -21.53
C GLU A 117 -20.66 -5.15 -21.46
N GLU A 118 -21.24 -5.89 -22.41
CA GLU A 118 -22.70 -6.05 -22.46
C GLU A 118 -23.21 -6.76 -21.22
N SER A 119 -24.23 -6.15 -20.61
CA SER A 119 -24.77 -6.61 -19.34
C SER A 119 -25.42 -7.99 -19.40
N SER A 120 -26.39 -8.16 -20.30
CA SER A 120 -27.33 -9.27 -20.18
C SER A 120 -27.26 -10.35 -21.28
N LYS A 121 -27.61 -9.97 -22.51
CA LYS A 121 -27.96 -10.97 -23.55
C LYS A 121 -26.84 -11.86 -24.09
N ASN A 122 -25.61 -11.63 -23.65
CA ASN A 122 -24.50 -12.49 -24.08
C ASN A 122 -23.90 -13.33 -22.95
N TYR A 123 -24.67 -13.60 -21.89
CA TYR A 123 -24.13 -14.29 -20.73
C TYR A 123 -23.61 -15.70 -21.05
N GLU A 124 -24.47 -16.53 -21.63
CA GLU A 124 -24.08 -17.91 -21.96
C GLU A 124 -22.90 -17.92 -22.91
N LYS A 125 -23.01 -17.19 -24.01
CA LYS A 125 -21.96 -17.13 -25.01
C LYS A 125 -20.63 -16.73 -24.38
N TYR A 126 -20.64 -15.70 -23.54
CA TYR A 126 -19.41 -15.16 -22.98
C TYR A 126 -18.69 -16.13 -22.03
N HIS A 127 -19.44 -16.87 -21.22
CA HIS A 127 -18.83 -17.86 -20.32
C HIS A 127 -18.37 -19.11 -21.05
N GLU A 128 -19.10 -19.48 -22.11
CA GLU A 128 -18.65 -20.59 -22.96
C GLU A 128 -17.29 -20.28 -23.56
N GLN A 129 -17.12 -19.07 -24.07
CA GLN A 129 -15.85 -18.66 -24.64
C GLN A 129 -14.80 -18.47 -23.55
N SER A 130 -15.26 -18.20 -22.32
CA SER A 130 -14.36 -18.18 -21.17
C SER A 130 -13.92 -19.59 -20.81
N ARG A 131 -14.87 -20.53 -20.84
CA ARG A 131 -14.59 -21.93 -20.62
C ARG A 131 -13.63 -22.47 -21.67
N ASP A 132 -13.89 -22.12 -22.93
CA ASP A 132 -13.06 -22.59 -24.05
C ASP A 132 -11.63 -22.09 -23.93
N ALA A 133 -11.46 -20.86 -23.45
CA ALA A 133 -10.12 -20.31 -23.25
C ALA A 133 -9.37 -21.09 -22.19
N PHE A 134 -10.06 -21.40 -21.10
CA PHE A 134 -9.49 -22.18 -20.00
C PHE A 134 -9.04 -23.56 -20.45
N LEU A 135 -9.88 -24.24 -21.21
CA LEU A 135 -9.57 -25.58 -21.71
C LEU A 135 -8.41 -25.55 -22.71
N LYS A 136 -8.36 -24.51 -23.52
CA LYS A 136 -7.28 -24.35 -24.49
C LYS A 136 -5.94 -24.17 -23.78
N TYR A 137 -5.93 -23.37 -22.73
CA TYR A 137 -4.72 -23.14 -21.94
C TYR A 137 -4.21 -24.43 -21.29
N VAL A 138 -5.13 -25.22 -20.76
CA VAL A 138 -4.77 -26.48 -20.11
C VAL A 138 -4.19 -27.47 -21.12
N GLU A 139 -4.86 -27.58 -22.26
CA GLU A 139 -4.44 -28.47 -23.34
C GLU A 139 -3.05 -28.13 -23.86
N GLU A 140 -2.76 -26.84 -23.96
CA GLU A 140 -1.46 -26.37 -24.42
C GLU A 140 -0.40 -26.55 -23.34
N ASN A 141 -0.83 -26.84 -22.12
CA ASN A 141 0.09 -27.06 -21.02
C ASN A 141 -0.20 -28.32 -20.21
N LYS A 142 -0.72 -29.37 -20.86
CA LYS A 142 -0.92 -30.67 -20.20
C LYS A 142 0.30 -31.13 -19.42
N SER A 143 1.43 -31.11 -20.10
CA SER A 143 2.69 -31.64 -19.59
C SER A 143 3.00 -31.16 -18.18
N THR A 144 2.75 -29.89 -17.92
CA THR A 144 3.09 -29.30 -16.63
C THR A 144 1.91 -29.26 -15.66
N LEU A 145 0.70 -29.25 -16.20
CA LEU A 145 -0.50 -29.07 -15.37
C LEU A 145 -1.10 -30.38 -14.85
N ILE A 146 -0.95 -31.45 -15.61
CA ILE A 146 -1.50 -32.75 -15.22
C ILE A 146 -0.39 -33.79 -15.10
N PRO A 147 -0.34 -34.51 -13.96
CA PRO A 147 -1.27 -34.46 -12.83
C PRO A 147 -0.86 -33.52 -11.70
N ASP A 148 0.13 -32.66 -11.95
CA ASP A 148 0.76 -31.87 -10.89
C ASP A 148 -0.14 -30.79 -10.30
N VAL A 149 -1.13 -30.34 -11.07
CA VAL A 149 -2.02 -29.27 -10.61
C VAL A 149 -3.47 -29.72 -10.65
N PHE A 150 -3.92 -30.15 -11.83
CA PHE A 150 -5.22 -30.80 -11.97
C PHE A 150 -4.98 -32.30 -12.03
N LYS A 151 -5.70 -33.06 -11.20
CA LYS A 151 -5.49 -34.50 -11.09
C LYS A 151 -5.66 -35.20 -12.43
N ASP A 152 -6.77 -34.90 -13.11
CA ASP A 152 -7.02 -35.45 -14.44
C ASP A 152 -8.03 -34.62 -15.22
N GLU A 153 -8.61 -35.22 -16.25
CA GLU A 153 -9.55 -34.53 -17.12
C GLU A 153 -10.87 -34.25 -16.39
N LYS A 154 -11.24 -35.15 -15.48
CA LYS A 154 -12.41 -34.97 -14.66
C LYS A 154 -12.25 -33.77 -13.74
N ASP A 155 -11.05 -33.62 -13.18
CA ASP A 155 -10.72 -32.47 -12.36
C ASP A 155 -10.78 -31.19 -13.19
N VAL A 156 -10.13 -31.22 -14.35
CA VAL A 156 -10.17 -30.11 -15.30
C VAL A 156 -11.60 -29.74 -15.68
N LYS A 157 -12.42 -30.76 -15.93
CA LYS A 157 -13.80 -30.56 -16.34
C LYS A 157 -14.62 -29.80 -15.29
N PHE A 158 -14.37 -30.12 -14.02
CA PHE A 158 -15.10 -29.49 -12.92
C PHE A 158 -14.91 -27.98 -12.91
N TYR A 159 -13.68 -27.53 -13.11
CA TYR A 159 -13.40 -26.10 -13.08
C TYR A 159 -13.81 -25.44 -14.38
N ALA A 160 -13.79 -26.20 -15.47
CA ALA A 160 -14.30 -25.71 -16.75
C ALA A 160 -15.80 -25.44 -16.65
N ASP A 161 -16.49 -26.27 -15.88
CA ASP A 161 -17.92 -26.13 -15.68
C ASP A 161 -18.24 -24.95 -14.77
N VAL A 162 -17.42 -24.76 -13.74
CA VAL A 162 -17.57 -23.61 -12.85
C VAL A 162 -17.49 -22.31 -13.65
N ILE A 163 -16.51 -22.25 -14.54
CA ILE A 163 -16.34 -21.10 -15.43
C ILE A 163 -17.54 -20.97 -16.35
N GLU A 164 -17.96 -22.09 -16.92
CA GLU A 164 -19.08 -22.14 -17.84
C GLU A 164 -20.36 -21.64 -17.16
N ASP A 165 -20.62 -22.13 -15.95
CA ASP A 165 -21.76 -21.67 -15.14
C ASP A 165 -23.10 -21.78 -15.87
N LYS A 166 -23.35 -22.91 -16.50
CA LYS A 166 -24.55 -23.06 -17.32
C LYS A 166 -25.84 -23.16 -16.52
N ASP A 167 -25.73 -23.48 -15.24
CA ASP A 167 -26.93 -23.68 -14.44
C ASP A 167 -26.97 -22.79 -13.20
N HIS A 168 -25.91 -22.03 -12.99
CA HIS A 168 -25.83 -21.04 -11.91
C HIS A 168 -25.87 -21.67 -10.52
N LYS A 169 -25.12 -22.74 -10.33
CA LYS A 169 -24.96 -23.35 -9.01
C LYS A 169 -23.87 -22.63 -8.21
N TRP A 170 -24.15 -21.39 -7.82
CA TRP A 170 -23.11 -20.53 -7.25
C TRP A 170 -22.74 -20.90 -5.81
N ALA A 171 -23.38 -21.93 -5.25
CA ALA A 171 -23.09 -22.32 -3.88
C ALA A 171 -22.79 -23.80 -3.74
N ASP A 172 -22.58 -24.48 -4.87
CA ASP A 172 -22.37 -25.93 -4.88
C ASP A 172 -21.06 -26.37 -4.23
N SER A 173 -20.06 -25.50 -4.29
CA SER A 173 -18.73 -25.87 -3.83
C SER A 173 -17.89 -24.62 -3.53
N PRO A 174 -16.78 -24.78 -2.78
CA PRO A 174 -15.86 -23.67 -2.55
C PRO A 174 -15.44 -22.99 -3.85
N ALA A 175 -15.20 -23.76 -4.90
CA ALA A 175 -14.87 -23.21 -6.20
C ALA A 175 -16.00 -22.32 -6.73
N HIS A 176 -17.24 -22.79 -6.61
CA HIS A 176 -18.39 -22.02 -7.10
C HIS A 176 -18.57 -20.72 -6.32
N VAL A 177 -18.52 -20.83 -4.99
CA VAL A 177 -18.69 -19.67 -4.11
C VAL A 177 -17.62 -18.60 -4.35
N LEU A 178 -16.36 -19.02 -4.40
CA LEU A 178 -15.25 -18.08 -4.51
C LEU A 178 -15.16 -17.41 -5.88
N VAL A 179 -15.39 -18.19 -6.93
CA VAL A 179 -15.35 -17.64 -8.29
C VAL A 179 -16.48 -16.63 -8.51
N ASN A 180 -17.67 -16.99 -8.06
CA ASN A 180 -18.83 -16.13 -8.28
C ASN A 180 -18.91 -14.92 -7.34
N GLN A 181 -18.65 -15.12 -6.05
CA GLN A 181 -18.71 -14.00 -5.12
C GLN A 181 -17.48 -13.09 -5.28
N GLY A 182 -16.35 -13.68 -5.63
CA GLY A 182 -15.15 -12.90 -5.91
C GLY A 182 -15.39 -11.97 -7.10
N HIS A 183 -16.00 -12.51 -8.14
CA HIS A 183 -16.38 -11.71 -9.31
C HIS A 183 -17.38 -10.65 -8.92
N MET A 184 -18.32 -11.02 -8.05
CA MET A 184 -19.44 -10.15 -7.71
C MET A 184 -19.04 -8.97 -6.82
N VAL A 185 -18.24 -9.24 -5.79
CA VAL A 185 -17.88 -8.20 -4.83
C VAL A 185 -17.06 -7.08 -5.45
N ASP A 186 -16.49 -7.32 -6.63
CA ASP A 186 -15.66 -6.31 -7.27
C ASP A 186 -16.50 -5.16 -7.79
N LEU A 187 -17.81 -5.36 -7.84
CA LEU A 187 -18.72 -4.33 -8.33
C LEU A 187 -18.89 -3.17 -7.35
N VAL A 188 -18.33 -3.32 -6.15
CA VAL A 188 -18.31 -2.25 -5.16
C VAL A 188 -17.60 -1.02 -5.72
N ARG A 189 -16.74 -1.25 -6.69
CA ARG A 189 -16.01 -0.17 -7.34
C ARG A 189 -16.90 0.76 -8.18
N VAL A 190 -18.16 0.39 -8.38
CA VAL A 190 -19.00 1.17 -9.31
C VAL A 190 -20.47 1.33 -8.89
N LYS A 191 -21.00 0.40 -8.11
CA LYS A 191 -22.44 0.35 -7.85
C LYS A 191 -22.96 1.41 -6.87
N GLN A 192 -24.14 1.95 -7.17
CA GLN A 192 -24.82 2.92 -6.30
C GLN A 192 -26.29 2.54 -6.14
N PRO A 193 -26.88 2.80 -4.97
CA PRO A 193 -26.24 3.39 -3.78
C PRO A 193 -25.28 2.43 -3.08
N PRO A 194 -24.08 2.92 -2.73
CA PRO A 194 -23.04 2.08 -2.11
C PRO A 194 -23.51 1.37 -0.85
N GLU A 195 -24.35 2.02 -0.05
CA GLU A 195 -24.83 1.43 1.20
C GLU A 195 -25.69 0.19 0.93
N SER A 196 -26.54 0.27 -0.08
CA SER A 196 -27.40 -0.85 -0.43
C SER A 196 -26.60 -2.04 -0.92
N TYR A 197 -25.65 -1.77 -1.81
CA TYR A 197 -24.84 -2.84 -2.38
C TYR A 197 -23.89 -3.46 -1.34
N LEU A 198 -23.29 -2.63 -0.49
CA LEU A 198 -22.40 -3.17 0.53
C LEU A 198 -23.15 -4.09 1.47
N GLU A 199 -24.31 -3.66 1.94
CA GLU A 199 -25.13 -4.48 2.83
C GLU A 199 -25.49 -5.80 2.14
N TYR A 200 -25.82 -5.73 0.86
CA TYR A 200 -26.19 -6.91 0.11
C TYR A 200 -25.05 -7.91 0.00
N TYR A 201 -23.92 -7.47 -0.56
CA TYR A 201 -22.75 -8.33 -0.74
C TYR A 201 -22.26 -8.90 0.58
N PHE A 202 -22.32 -8.07 1.64
CA PHE A 202 -21.94 -8.49 2.98
C PHE A 202 -22.77 -9.69 3.39
N SER A 203 -24.09 -9.60 3.18
CA SER A 203 -25.00 -10.65 3.61
C SER A 203 -24.86 -11.91 2.75
N GLN A 204 -24.30 -11.76 1.55
CA GLN A 204 -24.06 -12.91 0.68
C GLN A 204 -22.86 -13.70 1.15
N LEU A 205 -21.87 -12.98 1.67
CA LEU A 205 -20.59 -13.58 2.06
C LEU A 205 -20.62 -14.06 3.50
N GLN A 206 -21.29 -13.30 4.36
CA GLN A 206 -21.30 -13.53 5.80
C GLN A 206 -21.59 -14.97 6.26
N PRO A 207 -22.58 -15.66 5.65
CA PRO A 207 -22.85 -17.02 6.14
C PRO A 207 -21.68 -17.98 5.95
N TRP A 208 -20.80 -17.69 5.00
CA TRP A 208 -19.72 -18.61 4.68
C TRP A 208 -18.49 -18.42 5.58
N ILE A 209 -18.25 -17.20 6.05
CA ILE A 209 -17.02 -16.93 6.79
C ILE A 209 -17.24 -16.17 8.10
N GLY A 210 -18.46 -15.75 8.38
CA GLY A 210 -18.75 -15.04 9.61
C GLY A 210 -18.56 -13.54 9.47
N SER A 211 -19.19 -12.79 10.38
CA SER A 211 -19.22 -11.33 10.29
C SER A 211 -17.84 -10.69 10.39
N THR A 212 -17.00 -11.17 11.32
CA THR A 212 -15.69 -10.59 11.54
C THR A 212 -14.80 -10.77 10.31
N ALA A 213 -14.85 -11.96 9.72
CA ALA A 213 -14.07 -12.26 8.53
C ALA A 213 -14.54 -11.42 7.34
N THR A 214 -15.85 -11.23 7.24
CA THR A 214 -16.44 -10.49 6.13
C THR A 214 -16.02 -9.01 6.18
N GLU A 215 -16.05 -8.43 7.37
CA GLU A 215 -15.58 -7.05 7.57
C GLU A 215 -14.14 -6.87 7.10
N ALA A 216 -13.29 -7.82 7.47
CA ALA A 216 -11.88 -7.78 7.09
C ALA A 216 -11.71 -7.84 5.57
N VAL A 217 -12.60 -8.59 4.91
CA VAL A 217 -12.55 -8.70 3.44
C VAL A 217 -12.85 -7.37 2.77
N PHE A 218 -13.92 -6.71 3.19
CA PHE A 218 -14.30 -5.44 2.57
C PHE A 218 -13.38 -4.30 2.98
N ALA A 219 -12.81 -4.39 4.18
CA ALA A 219 -11.80 -3.43 4.60
C ALA A 219 -10.54 -3.58 3.75
N THR A 220 -10.17 -4.82 3.47
CA THR A 220 -9.00 -5.09 2.64
C THR A 220 -9.28 -4.71 1.19
N GLN A 221 -10.51 -4.96 0.75
CA GLN A 221 -10.93 -4.63 -0.61
C GLN A 221 -10.70 -3.15 -0.92
N ARG A 222 -11.02 -2.30 0.04
CA ARG A 222 -10.87 -0.85 -0.13
C ARG A 222 -9.42 -0.52 -0.45
N GLN A 223 -8.50 -1.18 0.25
CA GLN A 223 -7.08 -0.96 0.02
C GLN A 223 -6.62 -1.59 -1.30
N PHE A 224 -7.25 -2.71 -1.68
CA PHE A 224 -7.04 -3.30 -3.01
C PHE A 224 -7.40 -2.28 -4.10
N PHE A 225 -8.48 -1.54 -3.89
CA PHE A 225 -8.94 -0.54 -4.84
C PHE A 225 -7.96 0.64 -4.92
N HIS A 226 -7.58 1.18 -3.76
CA HIS A 226 -6.60 2.27 -3.73
C HIS A 226 -5.31 1.87 -4.43
N ALA A 227 -4.84 0.65 -4.18
CA ALA A 227 -3.57 0.17 -4.72
C ALA A 227 -3.62 -0.06 -6.24
N THR A 228 -4.81 -0.34 -6.76
CA THR A 228 -4.94 -0.55 -8.20
C THR A 228 -5.66 0.61 -8.89
N TYR A 229 -5.67 1.77 -8.23
CA TYR A 229 -6.21 3.00 -8.79
C TYR A 229 -7.65 2.83 -9.25
N GLU A 230 -8.42 2.18 -8.39
CA GLU A 230 -9.84 1.95 -8.61
C GLU A 230 -10.63 2.73 -7.54
N ALA A 231 -11.87 3.09 -7.86
CA ALA A 231 -12.64 3.98 -7.01
C ALA A 231 -13.08 3.33 -5.69
N VAL A 232 -12.96 4.08 -4.60
CA VAL A 232 -13.39 3.61 -3.29
C VAL A 232 -14.66 4.34 -2.86
N ALA A 233 -15.74 3.57 -2.70
CA ALA A 233 -17.06 4.14 -2.45
C ALA A 233 -17.18 4.77 -1.06
N GLY A 234 -18.09 5.74 -0.95
CA GLY A 234 -18.40 6.33 0.33
C GLY A 234 -19.52 5.55 1.00
N PHE A 235 -19.66 5.74 2.30
CA PHE A 235 -20.76 5.14 3.05
C PHE A 235 -21.34 6.15 4.02
N ASP A 236 -22.63 6.42 3.88
CA ASP A 236 -23.34 7.29 4.80
C ASP A 236 -24.62 6.61 5.26
N SER A 237 -24.70 6.35 6.56
CA SER A 237 -25.87 5.69 7.13
C SER A 237 -27.08 6.62 7.19
N GLU A 238 -26.86 7.90 6.86
CA GLU A 238 -27.94 8.87 6.84
C GLU A 238 -28.30 9.26 5.42
N ASN A 239 -27.86 8.45 4.46
CA ASN A 239 -28.20 8.64 3.06
C ASN A 239 -29.72 8.61 2.89
N LYS A 240 -30.28 9.63 2.26
CA LYS A 240 -31.73 9.77 2.14
C LYS A 240 -32.28 9.28 0.80
N GLU A 241 -31.40 8.86 -0.10
CA GLU A 241 -31.85 8.36 -1.39
C GLU A 241 -32.55 7.01 -1.20
N PRO A 242 -33.44 6.63 -2.13
CA PRO A 242 -34.18 5.37 -1.99
C PRO A 242 -33.30 4.14 -1.90
N HIS A 243 -33.58 3.28 -0.94
CA HIS A 243 -32.87 2.00 -0.81
C HIS A 243 -33.12 1.14 -2.04
N LEU A 244 -32.07 0.51 -2.55
CA LEU A 244 -32.21 -0.39 -3.68
C LEU A 244 -32.16 -1.84 -3.23
N VAL A 245 -33.23 -2.59 -3.49
CA VAL A 245 -33.24 -4.02 -3.27
C VAL A 245 -32.47 -4.67 -4.41
N VAL A 246 -31.22 -5.05 -4.14
CA VAL A 246 -30.30 -5.49 -5.18
C VAL A 246 -30.79 -6.73 -5.94
N ASP A 247 -31.21 -7.75 -5.22
CA ASP A 247 -31.75 -8.95 -5.86
C ASP A 247 -33.07 -8.62 -6.52
N GLY A 248 -33.06 -8.50 -7.84
CA GLY A 248 -34.26 -8.16 -8.58
C GLY A 248 -34.40 -6.68 -8.86
N LEU A 249 -33.42 -5.90 -8.38
CA LEU A 249 -33.38 -4.46 -8.61
C LEU A 249 -34.71 -3.75 -8.29
N GLY A 250 -35.20 -3.95 -7.07
CA GLY A 250 -36.49 -3.43 -6.68
C GLY A 250 -36.45 -2.42 -5.55
N ARG A 251 -37.59 -2.26 -4.88
CA ARG A 251 -37.75 -1.27 -3.82
C ARG A 251 -38.54 -1.84 -2.63
N TYR A 252 -38.46 -1.13 -1.50
CA TYR A 252 -39.37 -1.35 -0.39
C TYR A 252 -40.20 -0.08 -0.21
N VAL A 253 -41.40 -0.21 0.33
CA VAL A 253 -42.32 0.92 0.39
C VAL A 253 -42.84 1.18 1.81
N ILE A 254 -42.89 2.45 2.18
CA ILE A 254 -43.60 2.89 3.37
C ILE A 254 -45.02 3.30 2.99
N GLY A 255 -46.01 2.71 3.66
CA GLY A 255 -47.41 3.09 3.45
C GLY A 255 -47.82 4.33 4.22
N GLN A 256 -49.08 4.40 4.66
CA GLN A 256 -49.59 5.58 5.39
C GLN A 256 -49.34 5.39 6.86
N ASP A 257 -49.37 4.12 7.26
CA ASP A 257 -48.77 3.71 8.51
C ASP A 257 -47.37 4.31 8.63
N GLY A 258 -46.86 4.44 9.86
CA GLY A 258 -45.48 4.82 10.01
C GLY A 258 -44.59 3.70 9.47
N ASN A 259 -45.21 2.54 9.33
CA ASN A 259 -44.54 1.28 9.03
C ASN A 259 -44.30 1.03 7.54
N PRO A 260 -43.32 0.16 7.22
CA PRO A 260 -43.13 -0.32 5.85
C PRO A 260 -44.00 -1.54 5.56
N ILE A 261 -44.36 -1.73 4.30
CA ILE A 261 -45.28 -2.78 3.90
C ILE A 261 -44.63 -4.15 3.90
N ARG A 262 -45.24 -5.09 4.61
CA ARG A 262 -44.72 -6.45 4.71
C ARG A 262 -45.72 -7.50 4.22
N GLU A 263 -45.18 -8.64 3.80
CA GLU A 263 -46.00 -9.77 3.37
C GLU A 263 -46.46 -10.59 4.57
N GLU A 264 -47.27 -11.61 4.29
CA GLU A 264 -47.56 -12.62 5.30
C GLU A 264 -47.68 -13.98 4.64
N GLY A 274 -43.44 -10.21 9.54
CA GLY A 274 -43.28 -10.90 8.27
C GLY A 274 -42.27 -10.23 7.37
N GLU A 275 -41.88 -10.92 6.31
CA GLU A 275 -40.86 -10.42 5.38
C GLU A 275 -41.31 -9.16 4.66
N LEU A 276 -40.35 -8.27 4.41
CA LEU A 276 -40.60 -7.03 3.68
C LEU A 276 -41.07 -7.32 2.25
N LYS A 277 -42.09 -6.61 1.80
CA LYS A 277 -42.67 -6.86 0.50
C LYS A 277 -41.83 -6.24 -0.62
N PHE A 278 -41.37 -7.09 -1.54
CA PHE A 278 -40.63 -6.62 -2.71
C PHE A 278 -41.53 -5.82 -3.64
N PHE A 279 -41.01 -4.71 -4.14
CA PHE A 279 -41.72 -3.88 -5.11
C PHE A 279 -40.86 -3.67 -6.36
N SER A 280 -41.44 -3.91 -7.54
CA SER A 280 -40.73 -3.69 -8.79
C SER A 280 -40.61 -2.19 -9.06
N GLN A 281 -39.66 -1.82 -9.92
CA GLN A 281 -39.43 -0.41 -10.25
C GLN A 281 -40.61 0.19 -11.00
N LYS A 282 -41.33 -0.64 -11.75
CA LYS A 282 -42.43 -0.15 -12.58
C LYS A 282 -43.79 -0.30 -11.91
N LYS A 283 -43.82 -0.88 -10.72
CA LYS A 283 -45.10 -1.00 -10.02
C LYS A 283 -45.43 0.31 -9.32
N LYS A 284 -46.36 1.05 -9.88
CA LYS A 284 -46.80 2.32 -9.35
C LYS A 284 -47.50 2.24 -7.99
N LEU A 285 -47.33 3.28 -7.18
CA LEU A 285 -47.78 3.35 -5.78
C LEU A 285 -49.14 4.02 -5.45
N GLU A 286 -49.66 3.71 -4.27
CA GLU A 286 -50.78 4.42 -3.68
C GLU A 286 -50.36 5.80 -3.22
N GLU A 287 -51.33 6.70 -3.14
CA GLU A 287 -51.07 8.03 -2.64
C GLU A 287 -50.67 7.84 -1.20
N ASN A 288 -49.74 8.64 -0.74
CA ASN A 288 -49.22 8.50 0.62
C ASN A 288 -48.50 7.17 0.94
N GLN A 289 -47.89 6.61 -0.09
CA GLN A 289 -46.93 5.54 0.06
C GLN A 289 -45.66 6.18 -0.41
N ARG A 290 -44.52 5.69 0.08
CA ARG A 290 -43.23 6.08 -0.48
C ARG A 290 -42.19 4.99 -0.34
N TYR A 291 -41.19 5.05 -1.22
CA TYR A 291 -40.06 4.16 -1.19
C TYR A 291 -39.29 4.35 0.08
N MET A 292 -38.78 3.25 0.60
CA MET A 292 -37.95 3.24 1.80
C MET A 292 -36.58 3.83 1.49
N ARG A 293 -36.10 4.72 2.35
CA ARG A 293 -34.80 5.34 2.16
C ARG A 293 -33.68 4.44 2.69
N VAL A 294 -32.46 4.71 2.25
CA VAL A 294 -31.30 3.95 2.69
C VAL A 294 -31.14 4.02 4.21
N ASP A 295 -31.31 5.22 4.76
CA ASP A 295 -31.13 5.41 6.20
C ASP A 295 -32.17 4.63 6.99
N GLU A 296 -33.38 4.53 6.44
CA GLU A 296 -34.45 3.77 7.08
C GLU A 296 -34.15 2.27 7.07
N TYR A 297 -33.66 1.77 5.94
CA TYR A 297 -33.34 0.36 5.82
C TYR A 297 -32.25 -0.06 6.79
N LEU A 298 -31.29 0.82 7.02
CA LEU A 298 -30.13 0.48 7.83
C LEU A 298 -30.46 0.37 9.32
N LYS A 299 -31.50 1.05 9.79
CA LYS A 299 -31.87 0.90 11.20
C LYS A 299 -32.99 -0.12 11.39
N LEU A 300 -33.38 -0.79 10.32
CA LEU A 300 -34.26 -1.95 10.44
C LEU A 300 -33.56 -2.96 11.34
N ASP A 301 -34.27 -3.47 12.34
CA ASP A 301 -33.65 -4.30 13.36
C ASP A 301 -33.03 -5.58 12.79
N GLU A 302 -33.63 -6.14 11.75
CA GLU A 302 -33.11 -7.35 11.15
C GLU A 302 -31.81 -7.03 10.39
N VAL A 303 -31.70 -5.79 9.92
CA VAL A 303 -30.50 -5.36 9.21
C VAL A 303 -29.40 -4.98 10.20
N GLN A 304 -29.80 -4.34 11.29
CA GLN A 304 -28.88 -3.99 12.37
C GLN A 304 -28.16 -5.22 12.92
N LYS A 305 -28.91 -6.31 13.06
CA LYS A 305 -28.36 -7.54 13.64
C LYS A 305 -27.38 -8.26 12.72
N ARG A 306 -27.61 -8.20 11.41
CA ARG A 306 -26.79 -8.94 10.46
C ARG A 306 -25.65 -8.10 9.88
N PHE A 307 -25.82 -6.78 9.88
CA PHE A 307 -24.84 -5.89 9.26
C PHE A 307 -24.28 -4.89 10.26
N PRO A 308 -23.07 -5.18 10.79
CA PRO A 308 -22.43 -4.37 11.83
C PRO A 308 -22.04 -2.95 11.41
N GLY A 309 -21.96 -2.70 10.10
CA GLY A 309 -21.59 -1.38 9.62
C GLY A 309 -22.80 -0.52 9.29
N ALA A 310 -23.93 -0.84 9.89
CA ALA A 310 -25.20 -0.20 9.56
C ALA A 310 -25.25 1.28 9.92
N GLY A 311 -24.60 1.66 11.03
CA GLY A 311 -24.65 3.03 11.51
C GLY A 311 -23.37 3.79 11.28
N LYS A 312 -22.48 3.23 10.46
CA LYS A 312 -21.18 3.81 10.18
C LYS A 312 -21.27 5.02 9.25
N LYS A 313 -20.32 5.94 9.39
CA LYS A 313 -20.12 6.99 8.39
C LYS A 313 -18.66 6.97 7.95
N LEU A 314 -18.44 6.71 6.67
CA LEU A 314 -17.10 6.54 6.16
C LEU A 314 -16.98 7.14 4.76
N ASP A 315 -16.24 8.25 4.65
CA ASP A 315 -16.09 8.93 3.38
C ASP A 315 -15.32 8.09 2.37
N GLY A 316 -15.63 8.26 1.10
CA GLY A 316 -14.94 7.54 0.04
C GLY A 316 -13.86 8.39 -0.59
N GLY A 317 -13.28 7.92 -1.69
CA GLY A 317 -12.18 8.61 -2.33
C GLY A 317 -10.97 8.66 -1.42
N LEU A 318 -10.18 9.74 -1.53
CA LEU A 318 -9.01 9.92 -0.69
C LEU A 318 -9.09 11.20 0.12
N PRO A 319 -8.54 11.18 1.34
CA PRO A 319 -8.44 12.38 2.18
C PRO A 319 -7.74 13.54 1.47
N GLY A 320 -8.39 14.69 1.42
CA GLY A 320 -7.76 15.89 0.88
C GLY A 320 -7.94 16.11 -0.62
N LEU A 321 -8.50 15.12 -1.32
CA LEU A 321 -8.76 15.26 -2.74
C LEU A 321 -10.24 15.56 -3.01
N LYS A 322 -10.50 16.42 -4.00
CA LYS A 322 -11.87 16.72 -4.42
C LYS A 322 -12.22 15.86 -5.64
N GLU A 323 -13.50 15.84 -6.03
CA GLU A 323 -13.98 14.91 -7.05
C GLU A 323 -13.14 14.79 -8.31
N TYR A 324 -12.86 15.92 -8.94
CA TYR A 324 -12.15 15.87 -10.20
C TYR A 324 -10.68 15.54 -9.98
N GLN A 325 -10.15 15.96 -8.83
CA GLN A 325 -8.80 15.58 -8.45
C GLN A 325 -8.69 14.07 -8.29
N TYR A 326 -9.63 13.49 -7.53
CA TYR A 326 -9.66 12.05 -7.32
C TYR A 326 -9.82 11.32 -8.66
N LEU A 327 -10.69 11.85 -9.51
CA LEU A 327 -10.94 11.27 -10.82
C LEU A 327 -9.66 11.28 -11.67
N GLN A 328 -8.94 12.40 -11.62
CA GLN A 328 -7.69 12.53 -12.34
C GLN A 328 -6.65 11.52 -11.85
N ARG A 329 -6.68 11.21 -10.55
CA ARG A 329 -5.80 10.19 -10.01
C ARG A 329 -6.14 8.81 -10.58
N LEU A 330 -7.43 8.52 -10.63
CA LEU A 330 -7.91 7.25 -11.17
C LEU A 330 -7.65 7.17 -12.68
N ASN A 331 -7.30 8.32 -13.26
CA ASN A 331 -7.05 8.46 -14.69
C ASN A 331 -5.59 8.27 -15.07
N SER A 332 -4.72 8.28 -14.08
CA SER A 332 -3.28 8.35 -14.31
C SER A 332 -2.74 7.13 -15.05
N ILE A 333 -1.49 7.22 -15.48
CA ILE A 333 -0.82 6.14 -16.19
C ILE A 333 -0.60 4.93 -15.28
N ASN A 334 -0.63 5.15 -13.97
CA ASN A 334 -0.43 4.09 -13.00
C ASN A 334 -1.60 3.13 -12.96
N ARG A 335 -2.79 3.61 -13.28
CA ARG A 335 -3.93 2.71 -13.41
C ARG A 335 -3.75 1.81 -14.62
N ALA A 336 -3.26 2.39 -15.70
CA ALA A 336 -2.98 1.65 -16.94
C ALA A 336 -1.94 0.56 -16.71
N ARG A 337 -0.96 0.87 -15.86
CA ARG A 337 0.08 -0.09 -15.53
C ARG A 337 -0.49 -1.29 -14.78
N CYS A 338 -1.51 -1.04 -13.96
CA CYS A 338 -2.19 -2.12 -13.26
C CYS A 338 -2.99 -2.97 -14.24
N GLU A 339 -3.51 -2.34 -15.28
CA GLU A 339 -4.34 -3.04 -16.26
C GLU A 339 -3.54 -3.75 -17.36
N ASN A 340 -2.23 -3.59 -17.36
CA ASN A 340 -1.41 -4.11 -18.46
C ASN A 340 -0.16 -4.88 -18.03
N ASP A 341 0.17 -4.80 -16.74
CA ASP A 341 1.37 -5.46 -16.22
C ASP A 341 1.00 -6.37 -15.04
N VAL A 342 0.99 -7.68 -15.30
CA VAL A 342 0.63 -8.67 -14.30
C VAL A 342 1.48 -8.55 -13.02
N ASP A 343 2.79 -8.47 -13.17
CA ASP A 343 3.69 -8.38 -12.03
C ASP A 343 3.43 -7.12 -11.20
N PHE A 344 3.28 -5.99 -11.88
CA PHE A 344 3.07 -4.70 -11.22
C PHE A 344 1.77 -4.72 -10.44
N CYS A 345 0.71 -5.24 -11.05
CA CYS A 345 -0.58 -5.29 -10.39
C CYS A 345 -0.56 -6.23 -9.18
N LEU A 346 0.05 -7.40 -9.34
CA LEU A 346 0.19 -8.33 -8.22
C LEU A 346 1.03 -7.73 -7.10
N GLY A 347 2.06 -6.97 -7.45
CA GLY A 347 2.85 -6.26 -6.47
C GLY A 347 2.01 -5.31 -5.64
N GLN A 348 1.17 -4.53 -6.31
CA GLN A 348 0.28 -3.59 -5.63
C GLN A 348 -0.69 -4.29 -4.67
N LEU A 349 -1.27 -5.39 -5.14
CA LEU A 349 -2.23 -6.15 -4.35
C LEU A 349 -1.56 -6.79 -3.15
N GLN A 350 -0.37 -7.33 -3.37
CA GLN A 350 0.41 -7.94 -2.29
C GLN A 350 0.71 -6.92 -1.19
N THR A 351 1.06 -5.71 -1.61
CA THR A 351 1.36 -4.63 -0.67
C THR A 351 0.14 -4.26 0.18
N ALA A 352 -1.02 -4.15 -0.45
CA ALA A 352 -2.26 -3.81 0.25
C ALA A 352 -2.74 -4.95 1.14
N HIS A 353 -2.51 -6.17 0.68
CA HIS A 353 -2.91 -7.36 1.42
C HIS A 353 -2.22 -7.45 2.78
N HIS A 354 -0.94 -7.14 2.81
CA HIS A 354 -0.13 -7.39 4.00
C HIS A 354 0.12 -6.13 4.83
N GLN A 355 -0.39 -5.00 4.34
CA GLN A 355 -0.11 -3.71 4.94
C GLN A 355 -0.45 -3.62 6.43
N THR A 356 -1.62 -4.09 6.84
CA THR A 356 -2.01 -4.03 8.25
C THR A 356 -1.11 -4.88 9.16
N LYS A 357 -0.45 -5.86 8.57
CA LYS A 357 0.37 -6.79 9.33
C LYS A 357 1.78 -6.26 9.62
N ILE A 358 2.15 -5.16 8.97
CA ILE A 358 3.47 -4.57 9.21
C ILE A 358 3.47 -3.82 10.54
N THR A 359 2.36 -3.16 10.85
CA THR A 359 2.19 -2.53 12.15
C THR A 359 0.96 -3.09 12.87
N SER B 2 0.31 28.84 21.27
CA SER B 2 1.24 29.34 20.27
C SER B 2 1.39 28.35 19.12
N VAL B 3 0.85 27.15 19.29
CA VAL B 3 0.79 26.17 18.21
C VAL B 3 -0.07 26.74 17.10
N PRO B 4 0.49 26.86 15.90
CA PRO B 4 -0.26 27.45 14.78
C PRO B 4 -1.43 26.58 14.34
N THR B 5 -2.52 27.22 13.94
CA THR B 5 -3.61 26.52 13.28
C THR B 5 -3.11 25.90 11.98
N TRP B 6 -3.75 24.83 11.52
CA TRP B 6 -3.37 24.22 10.27
C TRP B 6 -4.37 24.58 9.17
N ASN B 7 -3.94 24.52 7.92
CA ASN B 7 -4.76 24.93 6.80
C ASN B 7 -4.96 23.82 5.77
N GLY B 8 -4.76 22.57 6.18
CA GLY B 8 -4.95 21.44 5.30
C GLY B 8 -3.75 21.11 4.44
N PHE B 9 -2.64 21.84 4.65
CA PHE B 9 -1.41 21.56 3.92
C PHE B 9 -0.95 20.12 4.08
N SER B 10 -0.58 19.50 2.96
CA SER B 10 -0.11 18.12 2.98
C SER B 10 0.86 17.85 1.83
N LEU B 11 1.88 17.06 2.12
CA LEU B 11 2.84 16.62 1.11
C LEU B 11 2.15 15.99 -0.09
N TYR B 12 1.03 15.32 0.16
CA TYR B 12 0.38 14.50 -0.83
C TYR B 12 -0.62 15.26 -1.71
N THR B 13 -0.88 16.52 -1.39
CA THR B 13 -1.83 17.30 -2.18
C THR B 13 -1.26 18.64 -2.65
N ASP B 14 -0.24 19.15 -1.97
CA ASP B 14 0.35 20.44 -2.35
C ASP B 14 1.18 20.31 -3.62
N GLU B 15 0.79 21.03 -4.66
CA GLU B 15 1.42 20.90 -5.98
C GLU B 15 2.77 21.60 -6.09
N THR B 16 3.01 22.60 -5.25
CA THR B 16 4.30 23.28 -5.23
C THR B 16 5.40 22.30 -4.78
N VAL B 17 5.13 21.59 -3.69
CA VAL B 17 6.05 20.61 -3.15
C VAL B 17 6.26 19.45 -4.15
N ARG B 18 5.18 19.02 -4.80
CA ARG B 18 5.24 17.94 -5.78
C ARG B 18 6.09 18.31 -7.01
N ASN B 19 5.97 19.56 -7.46
CA ASN B 19 6.73 20.00 -8.63
C ASN B 19 8.20 20.22 -8.32
N ALA B 20 8.50 20.56 -7.07
CA ALA B 20 9.88 20.61 -6.63
C ALA B 20 10.51 19.23 -6.77
N ALA B 21 9.75 18.19 -6.40
CA ALA B 21 10.22 16.82 -6.51
C ALA B 21 10.34 16.38 -7.96
N ARG B 22 9.36 16.73 -8.79
CA ARG B 22 9.44 16.48 -10.22
C ARG B 22 10.70 17.09 -10.80
N TYR B 23 10.93 18.37 -10.49
CA TYR B 23 12.10 19.07 -10.99
C TYR B 23 13.37 18.38 -10.53
N ALA B 24 13.40 17.99 -9.26
CA ALA B 24 14.57 17.33 -8.70
C ALA B 24 14.85 16.00 -9.40
N TYR B 25 13.79 15.29 -9.78
CA TYR B 25 13.95 14.03 -10.48
C TYR B 25 14.32 14.27 -11.95
N ASP B 26 13.59 15.13 -12.62
CA ASP B 26 13.74 15.38 -14.03
C ASP B 26 15.16 15.86 -14.31
N ASN B 27 15.67 16.73 -13.49
CA ASN B 27 17.00 17.27 -13.66
C ASN B 27 18.20 16.68 -12.93
N TYR B 28 17.99 15.85 -11.93
CA TYR B 28 19.08 15.29 -11.17
C TYR B 28 18.93 13.82 -10.78
N LEU B 29 17.90 13.53 -10.01
CA LEU B 29 17.73 12.22 -9.39
C LEU B 29 17.57 11.15 -10.44
N GLY B 30 16.98 11.51 -11.56
CA GLY B 30 16.70 10.55 -12.61
C GLY B 30 17.86 10.40 -13.60
N LYS B 31 18.94 11.12 -13.33
CA LYS B 31 20.14 11.05 -14.17
C LYS B 31 21.11 9.99 -13.67
N PRO B 32 21.90 9.41 -14.59
CA PRO B 32 22.99 8.51 -14.20
C PRO B 32 23.99 9.19 -13.26
N TYR B 33 24.50 8.44 -12.29
CA TYR B 33 25.62 8.92 -11.49
C TYR B 33 26.85 9.10 -12.39
N THR B 34 27.63 10.14 -12.12
CA THR B 34 28.86 10.36 -12.88
C THR B 34 30.08 9.92 -12.08
N GLY B 35 29.88 9.66 -10.80
CA GLY B 35 30.97 9.27 -9.91
C GLY B 35 31.37 7.82 -10.04
N THR B 36 31.91 7.27 -8.95
CA THR B 36 32.48 5.92 -8.97
C THR B 36 31.70 4.92 -8.13
N VAL B 37 31.45 5.28 -6.87
CA VAL B 37 30.87 4.36 -5.90
C VAL B 37 29.43 3.99 -6.20
N GLU B 38 29.20 2.70 -6.48
CA GLU B 38 27.87 2.16 -6.78
C GLU B 38 27.14 2.99 -7.82
N ALA B 39 27.86 3.43 -8.85
CA ALA B 39 27.33 4.35 -9.84
C ALA B 39 26.63 3.63 -10.99
N THR B 40 26.88 2.33 -11.11
CA THR B 40 26.22 1.55 -12.16
C THR B 40 24.72 1.46 -11.91
N PRO B 41 23.92 1.92 -12.88
CA PRO B 41 22.47 1.80 -12.78
C PRO B 41 22.05 0.34 -12.80
N VAL B 42 20.95 0.01 -12.13
CA VAL B 42 20.47 -1.36 -12.09
C VAL B 42 19.14 -1.48 -12.82
N ASN B 43 18.73 -2.71 -13.13
CA ASN B 43 17.50 -2.97 -13.86
C ASN B 43 16.51 -3.63 -12.92
N PHE B 44 15.44 -2.91 -12.59
CA PHE B 44 14.36 -3.45 -11.75
C PHE B 44 13.12 -3.71 -12.60
N GLY B 45 12.90 -4.98 -12.95
CA GLY B 45 11.69 -5.41 -13.62
C GLY B 45 11.28 -4.73 -14.92
N GLY B 46 12.26 -4.25 -15.69
CA GLY B 46 11.96 -3.63 -16.97
C GLY B 46 12.45 -2.19 -17.09
N GLN B 47 12.58 -1.51 -15.95
CA GLN B 47 13.04 -0.13 -15.95
C GLN B 47 14.41 0.02 -15.33
N MET B 48 15.18 1.00 -15.80
CA MET B 48 16.47 1.30 -15.22
C MET B 48 16.32 2.21 -14.00
N VAL B 49 17.08 1.91 -12.95
CA VAL B 49 17.12 2.77 -11.77
C VAL B 49 18.54 3.25 -11.55
N TYR B 50 18.74 4.57 -11.66
CA TYR B 50 20.08 5.12 -11.57
C TYR B 50 20.55 5.33 -10.13
N ARG B 51 19.63 5.69 -9.24
CA ARG B 51 19.98 5.95 -7.85
C ARG B 51 19.02 5.26 -6.90
N GLN B 52 19.21 3.96 -6.71
CA GLN B 52 18.28 3.18 -5.90
C GLN B 52 18.37 3.53 -4.41
N HIS B 53 19.52 4.04 -3.98
CA HIS B 53 19.67 4.35 -2.56
C HIS B 53 19.30 5.81 -2.27
N HIS B 54 20.10 6.76 -2.75
CA HIS B 54 19.77 8.16 -2.56
C HIS B 54 19.11 8.73 -3.82
N GLY B 55 17.90 8.26 -4.11
CA GLY B 55 17.17 8.68 -5.29
C GLY B 55 15.84 9.31 -4.95
N LEU B 56 14.85 9.09 -5.82
CA LEU B 56 13.54 9.71 -5.66
C LEU B 56 12.75 9.18 -4.47
N ALA B 57 12.68 7.85 -4.34
CA ALA B 57 11.91 7.23 -3.27
C ALA B 57 12.45 7.64 -1.90
N HIS B 58 13.78 7.61 -1.76
CA HIS B 58 14.44 8.10 -0.55
C HIS B 58 14.07 9.55 -0.25
N THR B 59 14.21 10.40 -1.25
CA THR B 59 13.95 11.82 -1.08
C THR B 59 12.51 12.06 -0.62
N LEU B 60 11.56 11.40 -1.29
CA LEU B 60 10.16 11.56 -0.96
C LEU B 60 9.84 11.03 0.44
N ARG B 61 10.54 9.98 0.85
CA ARG B 61 10.36 9.44 2.19
C ARG B 61 10.84 10.43 3.25
N THR B 62 11.90 11.19 2.96
CA THR B 62 12.39 12.17 3.91
C THR B 62 11.38 13.29 4.11
N MET B 63 10.73 13.68 3.02
CA MET B 63 9.67 14.68 3.07
C MET B 63 8.47 14.13 3.85
N ALA B 64 8.17 12.85 3.65
CA ALA B 64 7.08 12.20 4.39
C ALA B 64 7.38 12.10 5.87
N TYR B 65 8.65 11.88 6.21
CA TYR B 65 9.07 11.88 7.61
C TYR B 65 8.82 13.26 8.24
N ALA B 66 9.23 14.31 7.54
CA ALA B 66 9.05 15.67 8.02
C ALA B 66 7.59 15.95 8.35
N GLU B 67 6.71 15.48 7.47
CA GLU B 67 5.26 15.66 7.67
C GLU B 67 4.76 15.00 8.95
N ILE B 68 5.14 13.75 9.20
CA ILE B 68 4.58 13.05 10.36
C ILE B 68 5.28 13.47 11.64
N ILE B 69 6.55 13.87 11.54
CA ILE B 69 7.24 14.39 12.71
C ILE B 69 6.57 15.66 13.22
N VAL B 70 6.27 16.58 12.30
CA VAL B 70 5.58 17.81 12.67
C VAL B 70 4.17 17.50 13.18
N GLU B 71 3.46 16.61 12.48
CA GLU B 71 2.14 16.16 12.91
C GLU B 71 2.17 15.63 14.34
N GLU B 72 3.12 14.75 14.61
CA GLU B 72 3.20 14.12 15.92
C GLU B 72 3.71 15.09 16.99
N ALA B 73 4.56 16.04 16.59
CA ALA B 73 5.04 17.05 17.54
C ALA B 73 3.88 17.95 17.97
N ARG B 74 3.03 18.29 17.00
CA ARG B 74 1.86 19.13 17.27
C ARG B 74 0.93 18.46 18.27
N LYS B 75 0.65 17.16 18.08
CA LYS B 75 -0.18 16.43 19.03
C LYS B 75 0.45 16.39 20.41
N ALA B 76 1.78 16.26 20.44
CA ALA B 76 2.51 16.19 21.69
C ALA B 76 2.33 17.47 22.50
N LYS B 77 2.53 18.61 21.85
CA LYS B 77 2.43 19.90 22.55
C LYS B 77 1.00 20.17 22.99
N LEU B 78 0.04 19.77 22.17
CA LEU B 78 -1.38 19.94 22.49
C LEU B 78 -1.78 19.04 23.66
N ARG B 79 -1.02 17.98 23.90
CA ARG B 79 -1.23 17.15 25.09
C ARG B 79 -0.56 17.77 26.32
N GLY B 80 0.17 18.85 26.12
CA GLY B 80 0.85 19.50 27.22
C GLY B 80 2.24 18.96 27.50
N GLU B 81 2.74 18.11 26.60
CA GLU B 81 4.11 17.64 26.70
C GLU B 81 5.07 18.81 26.46
N SER B 82 6.20 18.82 27.15
CA SER B 82 7.19 19.85 26.93
C SER B 82 8.26 19.34 25.98
N LEU B 83 8.45 20.05 24.88
CA LEU B 83 9.37 19.63 23.83
C LEU B 83 10.66 20.45 23.90
N LYS B 84 11.74 19.91 23.37
CA LYS B 84 13.02 20.60 23.39
C LYS B 84 12.92 21.90 22.58
N THR B 85 13.49 22.97 23.11
CA THR B 85 13.41 24.27 22.48
C THR B 85 14.67 24.63 21.72
N PHE B 86 14.51 25.45 20.70
CA PHE B 86 15.65 26.07 20.03
C PHE B 86 16.06 27.34 20.79
N ALA B 87 16.97 28.11 20.21
CA ALA B 87 17.49 29.30 20.89
C ALA B 87 16.43 30.38 21.06
N ASP B 88 15.49 30.45 20.12
CA ASP B 88 14.46 31.48 20.16
C ASP B 88 13.20 31.04 20.91
N GLY B 89 13.28 29.88 21.56
CA GLY B 89 12.17 29.39 22.36
C GLY B 89 11.19 28.51 21.61
N ARG B 90 11.30 28.45 20.29
CA ARG B 90 10.41 27.63 19.48
C ARG B 90 10.66 26.14 19.67
N THR B 91 9.66 25.34 19.32
CA THR B 91 9.81 23.89 19.26
C THR B 91 9.39 23.43 17.86
N LEU B 92 9.49 22.13 17.60
CA LEU B 92 9.04 21.58 16.33
C LEU B 92 7.54 21.74 16.15
N ALA B 93 6.83 21.90 17.26
CA ALA B 93 5.38 22.07 17.22
C ALA B 93 4.98 23.46 16.74
N ASP B 94 5.96 24.35 16.63
CA ASP B 94 5.68 25.73 16.23
C ASP B 94 5.82 25.93 14.72
N VAL B 95 6.15 24.86 14.01
CA VAL B 95 6.32 24.91 12.56
C VAL B 95 4.99 25.22 11.87
N THR B 96 4.98 26.28 11.05
CA THR B 96 3.77 26.68 10.33
C THR B 96 3.64 25.91 9.02
N PRO B 97 2.41 25.86 8.45
CA PRO B 97 2.26 25.22 7.14
C PRO B 97 3.16 25.82 6.06
N GLU B 98 3.28 27.14 6.04
CA GLU B 98 4.12 27.81 5.05
C GLU B 98 5.59 27.43 5.23
N GLU B 99 6.00 27.28 6.49
CA GLU B 99 7.38 26.94 6.80
C GLU B 99 7.70 25.48 6.48
N LEU B 100 6.72 24.60 6.68
CA LEU B 100 6.93 23.18 6.38
C LEU B 100 7.05 22.97 4.87
N ARG B 101 6.33 23.76 4.08
CA ARG B 101 6.44 23.66 2.63
C ARG B 101 7.84 23.99 2.16
N LYS B 102 8.40 25.08 2.68
CA LYS B 102 9.76 25.47 2.33
C LYS B 102 10.77 24.40 2.74
N ILE B 103 10.56 23.82 3.92
CA ILE B 103 11.43 22.75 4.41
C ILE B 103 11.41 21.54 3.48
N MET B 104 10.21 21.16 3.03
CA MET B 104 10.05 20.00 2.13
C MET B 104 10.65 20.27 0.75
N ILE B 105 10.60 21.53 0.33
CA ILE B 105 11.20 21.93 -0.93
C ILE B 105 12.72 21.80 -0.84
N ALA B 106 13.27 22.22 0.30
CA ALA B 106 14.69 22.02 0.56
C ALA B 106 15.04 20.53 0.56
N GLN B 107 14.20 19.73 1.21
CA GLN B 107 14.41 18.29 1.28
C GLN B 107 14.47 17.63 -0.10
N ALA B 108 13.64 18.14 -1.02
CA ALA B 108 13.56 17.56 -2.35
C ALA B 108 14.88 17.67 -3.11
N PHE B 109 15.73 18.59 -2.68
CA PHE B 109 17.02 18.80 -3.35
C PHE B 109 18.23 18.35 -2.55
N PHE B 110 17.99 17.77 -1.37
CA PHE B 110 19.06 17.51 -0.41
C PHE B 110 20.14 16.54 -0.92
N VAL B 111 19.79 15.67 -1.86
CA VAL B 111 20.81 14.76 -2.41
C VAL B 111 20.88 14.83 -3.94
N THR B 112 20.39 15.92 -4.52
CA THR B 112 20.46 16.08 -5.97
C THR B 112 21.89 16.31 -6.43
N GLY B 113 22.73 16.83 -5.54
CA GLY B 113 24.11 17.12 -5.87
C GLY B 113 25.07 15.94 -5.85
N ARG B 114 24.59 14.77 -5.43
CA ARG B 114 25.44 13.59 -5.36
C ARG B 114 25.90 13.12 -6.75
N ASP B 115 27.19 12.76 -6.83
CA ASP B 115 27.74 12.20 -8.05
C ASP B 115 27.80 10.67 -7.98
N ASP B 116 27.70 10.15 -6.76
CA ASP B 116 27.62 8.70 -6.53
C ASP B 116 27.22 8.42 -5.08
N GLU B 117 27.47 7.21 -4.62
CA GLU B 117 27.08 6.81 -3.27
C GLU B 117 28.23 6.86 -2.28
N GLU B 118 29.22 7.70 -2.54
CA GLU B 118 30.36 7.84 -1.63
C GLU B 118 29.92 8.32 -0.25
N SER B 119 30.42 7.63 0.77
CA SER B 119 30.08 7.88 2.17
C SER B 119 30.39 9.30 2.64
N SER B 120 31.68 9.62 2.65
CA SER B 120 32.17 10.75 3.43
C SER B 120 33.04 11.72 2.64
N LYS B 121 33.81 11.17 1.71
CA LYS B 121 34.89 11.89 1.04
C LYS B 121 34.46 13.18 0.32
N ASN B 122 33.27 13.17 -0.29
CA ASN B 122 32.83 14.31 -1.10
C ASN B 122 31.66 15.07 -0.50
N TYR B 123 31.63 15.19 0.82
CA TYR B 123 30.49 15.79 1.50
C TYR B 123 30.22 17.22 1.04
N GLU B 124 31.25 18.08 1.14
CA GLU B 124 31.10 19.48 0.76
C GLU B 124 30.68 19.64 -0.69
N LYS B 125 31.36 18.93 -1.59
CA LYS B 125 31.07 19.01 -3.01
C LYS B 125 29.62 18.67 -3.34
N TYR B 126 29.15 17.53 -2.85
CA TYR B 126 27.80 17.05 -3.16
C TYR B 126 26.74 17.98 -2.57
N HIS B 127 27.01 18.49 -1.37
CA HIS B 127 26.07 19.40 -0.72
C HIS B 127 26.05 20.78 -1.37
N GLU B 128 27.22 21.24 -1.81
CA GLU B 128 27.29 22.48 -2.58
C GLU B 128 26.57 22.33 -3.91
N GLN B 129 26.70 21.17 -4.53
CA GLN B 129 26.06 20.91 -5.81
C GLN B 129 24.55 20.75 -5.62
N SER B 130 24.16 20.30 -4.44
CA SER B 130 22.73 20.23 -4.10
C SER B 130 22.18 21.62 -3.87
N ARG B 131 22.97 22.48 -3.24
CA ARG B 131 22.58 23.87 -3.04
C ARG B 131 22.38 24.57 -4.38
N ASP B 132 23.31 24.35 -5.30
CA ASP B 132 23.24 24.95 -6.63
C ASP B 132 22.00 24.49 -7.39
N ALA B 133 21.62 23.23 -7.21
CA ALA B 133 20.45 22.68 -7.86
C ALA B 133 19.19 23.39 -7.36
N PHE B 134 19.06 23.49 -6.04
CA PHE B 134 17.95 24.21 -5.42
C PHE B 134 17.84 25.64 -5.93
N LEU B 135 18.99 26.30 -6.07
CA LEU B 135 19.04 27.68 -6.52
C LEU B 135 18.64 27.86 -7.99
N LYS B 136 19.03 26.92 -8.84
CA LYS B 136 18.65 26.97 -10.25
C LYS B 136 17.14 26.76 -10.39
N TYR B 137 16.61 25.82 -9.62
CA TYR B 137 15.18 25.55 -9.58
C TYR B 137 14.38 26.78 -9.18
N VAL B 138 14.83 27.46 -8.12
CA VAL B 138 14.17 28.67 -7.64
C VAL B 138 14.17 29.76 -8.71
N GLU B 139 15.30 29.97 -9.34
CA GLU B 139 15.46 30.96 -10.36
C GLU B 139 14.52 30.71 -11.53
N GLU B 140 14.43 29.48 -11.93
CA GLU B 140 13.60 29.08 -13.07
C GLU B 140 12.12 29.02 -12.70
N ASN B 141 11.82 29.11 -11.41
CA ASN B 141 10.44 29.07 -10.92
C ASN B 141 10.12 30.25 -10.01
N LYS B 142 10.80 31.38 -10.24
CA LYS B 142 10.75 32.52 -9.34
C LYS B 142 9.38 33.18 -9.25
N SER B 143 8.69 33.31 -10.37
CA SER B 143 7.39 33.97 -10.40
C SER B 143 6.38 33.27 -9.50
N THR B 144 6.46 31.95 -9.48
CA THR B 144 5.59 31.13 -8.66
C THR B 144 6.05 31.06 -7.21
N LEU B 145 7.34 30.93 -7.02
CA LEU B 145 7.97 30.88 -5.73
C LEU B 145 8.03 32.11 -4.86
N ILE B 146 8.27 33.26 -5.44
CA ILE B 146 8.49 34.48 -4.69
C ILE B 146 7.48 35.50 -5.12
N PRO B 147 6.80 36.14 -4.16
CA PRO B 147 7.03 35.87 -2.73
C PRO B 147 6.05 34.90 -2.05
N ASP B 148 5.08 34.36 -2.77
CA ASP B 148 4.07 33.50 -2.19
C ASP B 148 4.62 32.29 -1.41
N VAL B 149 5.77 31.76 -1.80
CA VAL B 149 6.33 30.58 -1.12
C VAL B 149 7.57 30.96 -0.31
N PHE B 150 8.58 31.50 -1.00
CA PHE B 150 9.70 32.10 -0.31
C PHE B 150 9.52 33.61 -0.30
N LYS B 151 9.68 34.21 0.87
CA LYS B 151 9.42 35.64 1.02
C LYS B 151 10.33 36.49 0.14
N ASP B 152 11.63 36.20 0.18
CA ASP B 152 12.61 36.98 -0.57
C ASP B 152 13.91 36.22 -0.78
N GLU B 153 14.93 36.91 -1.28
CA GLU B 153 16.25 36.33 -1.50
C GLU B 153 16.87 35.84 -0.20
N LYS B 154 16.63 36.58 0.89
CA LYS B 154 17.16 36.21 2.20
C LYS B 154 16.51 34.92 2.69
N ASP B 155 15.20 34.80 2.45
CA ASP B 155 14.46 33.61 2.85
C ASP B 155 14.95 32.41 2.03
N VAL B 156 15.13 32.61 0.74
CA VAL B 156 15.67 31.58 -0.15
C VAL B 156 17.05 31.13 0.34
N LYS B 157 17.90 32.11 0.65
CA LYS B 157 19.26 31.86 1.09
C LYS B 157 19.31 30.99 2.34
N PHE B 158 18.32 31.15 3.23
CA PHE B 158 18.29 30.38 4.47
C PHE B 158 18.21 28.88 4.20
N TYR B 159 17.37 28.50 3.24
CA TYR B 159 17.17 27.08 2.94
C TYR B 159 18.25 26.56 2.00
N ALA B 160 18.80 27.44 1.18
CA ALA B 160 20.00 27.10 0.42
C ALA B 160 21.13 26.77 1.39
N ASP B 161 21.23 27.55 2.47
CA ASP B 161 22.24 27.34 3.50
C ASP B 161 22.03 26.00 4.21
N VAL B 162 20.78 25.68 4.54
CA VAL B 162 20.45 24.43 5.18
C VAL B 162 20.95 23.24 4.35
N ILE B 163 20.70 23.31 3.05
CA ILE B 163 21.09 22.25 2.12
C ILE B 163 22.62 22.12 2.00
N GLU B 164 23.34 23.24 1.93
CA GLU B 164 24.79 23.19 1.83
C GLU B 164 25.40 22.61 3.11
N ASP B 165 24.78 22.92 4.25
CA ASP B 165 25.20 22.39 5.55
C ASP B 165 26.69 22.59 5.80
N LYS B 166 27.16 23.82 5.64
CA LYS B 166 28.59 24.08 5.63
C LYS B 166 29.26 23.81 6.98
N ASP B 167 28.57 24.11 8.07
CA ASP B 167 29.15 23.91 9.40
C ASP B 167 28.38 22.92 10.27
N HIS B 168 27.50 22.14 9.64
CA HIS B 168 26.82 21.02 10.31
C HIS B 168 26.05 21.40 11.58
N LYS B 169 25.31 22.50 11.51
CA LYS B 169 24.45 22.91 12.63
C LYS B 169 23.10 22.21 12.53
N TRP B 170 23.08 20.91 12.83
CA TRP B 170 21.92 20.05 12.59
C TRP B 170 20.76 20.32 13.54
N ALA B 171 21.01 21.03 14.64
CA ALA B 171 19.97 21.30 15.62
C ALA B 171 19.75 22.80 15.78
N ASP B 172 20.12 23.56 14.75
CA ASP B 172 20.10 25.02 14.83
C ASP B 172 18.69 25.60 14.73
N SER B 173 17.82 24.94 13.98
CA SER B 173 16.47 25.43 13.73
C SER B 173 15.56 24.26 13.37
N PRO B 174 14.23 24.47 13.39
CA PRO B 174 13.31 23.41 12.93
C PRO B 174 13.69 22.84 11.57
N ALA B 175 14.07 23.70 10.64
CA ALA B 175 14.47 23.27 9.31
C ALA B 175 15.69 22.35 9.35
N HIS B 176 16.67 22.71 10.18
CA HIS B 176 17.90 21.93 10.28
C HIS B 176 17.64 20.54 10.86
N VAL B 177 16.79 20.46 11.86
CA VAL B 177 16.46 19.19 12.49
C VAL B 177 15.69 18.27 11.55
N LEU B 178 14.66 18.81 10.90
CA LEU B 178 13.83 18.00 10.02
C LEU B 178 14.57 17.52 8.78
N VAL B 179 15.38 18.38 8.18
CA VAL B 179 16.12 18.01 6.99
C VAL B 179 17.18 16.94 7.30
N ASN B 180 17.98 17.17 8.35
CA ASN B 180 19.08 16.26 8.63
C ASN B 180 18.63 14.96 9.27
N GLN B 181 17.72 15.02 10.24
CA GLN B 181 17.21 13.80 10.86
C GLN B 181 16.30 13.03 9.90
N GLY B 182 15.57 13.76 9.07
CA GLY B 182 14.74 13.13 8.04
C GLY B 182 15.62 12.33 7.08
N HIS B 183 16.75 12.93 6.72
CA HIS B 183 17.74 12.24 5.88
C HIS B 183 18.35 11.04 6.60
N MET B 184 18.69 11.20 7.87
CA MET B 184 19.38 10.14 8.63
C MET B 184 18.52 8.90 8.89
N VAL B 185 17.29 9.10 9.35
CA VAL B 185 16.47 7.97 9.79
C VAL B 185 16.09 7.03 8.64
N ASP B 186 16.27 7.47 7.40
CA ASP B 186 15.97 6.60 6.27
C ASP B 186 16.98 5.45 6.21
N LEU B 187 18.08 5.58 6.93
CA LEU B 187 19.12 4.56 6.94
C LEU B 187 18.69 3.29 7.66
N VAL B 188 17.53 3.34 8.31
CA VAL B 188 16.95 2.17 8.95
C VAL B 188 16.68 1.07 7.91
N ARG B 189 16.65 1.45 6.63
CA ARG B 189 16.45 0.48 5.56
C ARG B 189 17.70 -0.37 5.27
N VAL B 190 18.85 0.00 5.84
CA VAL B 190 20.09 -0.70 5.52
C VAL B 190 21.01 -0.99 6.73
N LYS B 191 20.85 -0.29 7.83
CA LYS B 191 21.82 -0.39 8.94
C LYS B 191 21.62 -1.61 9.86
N GLN B 192 22.72 -2.26 10.22
CA GLN B 192 22.74 -3.39 11.15
C GLN B 192 23.82 -3.21 12.22
N PRO B 193 23.57 -3.70 13.45
CA PRO B 193 22.34 -4.34 13.94
C PRO B 193 21.19 -3.37 14.06
N PRO B 194 19.99 -3.80 13.65
CA PRO B 194 18.80 -2.93 13.57
C PRO B 194 18.44 -2.31 14.91
N GLU B 195 18.63 -3.06 15.98
CA GLU B 195 18.26 -2.59 17.32
C GLU B 195 19.13 -1.43 17.78
N SER B 196 20.45 -1.56 17.56
CA SER B 196 21.38 -0.51 17.97
C SER B 196 21.08 0.79 17.23
N TYR B 197 20.79 0.68 15.94
CA TYR B 197 20.52 1.86 15.13
C TYR B 197 19.16 2.47 15.46
N LEU B 198 18.16 1.64 15.69
CA LEU B 198 16.83 2.15 16.02
C LEU B 198 16.82 2.90 17.34
N GLU B 199 17.55 2.39 18.33
CA GLU B 199 17.62 3.07 19.61
C GLU B 199 18.35 4.39 19.46
N TYR B 200 19.39 4.40 18.64
CA TYR B 200 20.15 5.63 18.42
C TYR B 200 19.31 6.70 17.73
N TYR B 201 18.69 6.36 16.61
CA TYR B 201 17.84 7.31 15.89
C TYR B 201 16.67 7.76 16.77
N PHE B 202 16.13 6.82 17.54
CA PHE B 202 15.04 7.12 18.48
C PHE B 202 15.49 8.19 19.47
N SER B 203 16.71 8.06 19.98
CA SER B 203 17.21 8.95 21.01
C SER B 203 17.57 10.32 20.46
N GLN B 204 17.88 10.37 19.17
CA GLN B 204 18.18 11.64 18.52
C GLN B 204 16.94 12.48 18.32
N LEU B 205 15.81 11.83 18.08
CA LEU B 205 14.57 12.51 17.74
C LEU B 205 13.69 12.79 18.96
N GLN B 206 13.69 11.87 19.91
CA GLN B 206 12.79 11.91 21.06
C GLN B 206 12.75 13.23 21.85
N PRO B 207 13.92 13.86 22.12
CA PRO B 207 13.80 15.11 22.88
C PRO B 207 13.02 16.21 22.15
N TRP B 208 12.99 16.16 20.83
CA TRP B 208 12.34 17.20 20.05
C TRP B 208 10.83 17.06 20.00
N ILE B 209 10.31 15.84 20.14
CA ILE B 209 8.87 15.62 19.94
C ILE B 209 8.24 14.71 21.01
N GLY B 210 9.06 14.14 21.89
CA GLY B 210 8.56 13.27 22.93
C GLY B 210 8.51 11.82 22.50
N SER B 211 8.38 10.91 23.46
CA SER B 211 8.50 9.49 23.17
C SER B 211 7.28 8.89 22.48
N THR B 212 6.09 9.35 22.87
CA THR B 212 4.86 8.89 22.24
C THR B 212 4.86 9.24 20.75
N ALA B 213 5.20 10.49 20.45
CA ALA B 213 5.31 10.95 19.08
C ALA B 213 6.40 10.17 18.32
N THR B 214 7.54 9.96 18.99
CA THR B 214 8.67 9.29 18.35
C THR B 214 8.32 7.85 17.99
N GLU B 215 7.58 7.16 18.86
CA GLU B 215 7.13 5.80 18.56
C GLU B 215 6.30 5.78 17.28
N ALA B 216 5.35 6.71 17.17
CA ALA B 216 4.45 6.77 16.04
C ALA B 216 5.22 7.03 14.74
N VAL B 217 6.25 7.88 14.82
CA VAL B 217 7.07 8.19 13.66
C VAL B 217 7.76 6.94 13.10
N PHE B 218 8.34 6.13 13.97
CA PHE B 218 9.08 4.95 13.53
C PHE B 218 8.16 3.80 13.16
N ALA B 219 6.98 3.75 13.77
CA ALA B 219 5.97 2.78 13.36
C ALA B 219 5.47 3.10 11.97
N THR B 220 5.24 4.37 11.69
CA THR B 220 4.78 4.80 10.36
C THR B 220 5.87 4.61 9.31
N GLN B 221 7.13 4.75 9.71
CA GLN B 221 8.25 4.54 8.80
C GLN B 221 8.24 3.14 8.20
N ARG B 222 7.98 2.15 9.04
CA ARG B 222 7.84 0.76 8.59
C ARG B 222 6.80 0.64 7.48
N GLN B 223 5.69 1.36 7.64
CA GLN B 223 4.65 1.40 6.61
C GLN B 223 5.14 2.09 5.34
N PHE B 224 5.90 3.17 5.51
CA PHE B 224 6.46 3.91 4.37
C PHE B 224 7.45 3.06 3.58
N PHE B 225 8.27 2.27 4.27
CA PHE B 225 9.20 1.35 3.62
C PHE B 225 8.44 0.28 2.86
N HIS B 226 7.47 -0.33 3.55
CA HIS B 226 6.63 -1.36 2.95
C HIS B 226 5.99 -0.88 1.66
N ALA B 227 5.43 0.33 1.67
CA ALA B 227 4.66 0.83 0.53
C ALA B 227 5.55 1.28 -0.63
N THR B 228 6.81 1.59 -0.35
CA THR B 228 7.72 2.01 -1.42
C THR B 228 8.70 0.90 -1.77
N TYR B 229 8.33 -0.34 -1.45
CA TYR B 229 9.05 -1.54 -1.87
C TYR B 229 10.51 -1.50 -1.44
N GLU B 230 10.71 -1.04 -0.20
CA GLU B 230 12.02 -0.88 0.41
C GLU B 230 12.09 -1.78 1.65
N ALA B 231 13.30 -2.11 2.11
CA ALA B 231 13.48 -3.11 3.16
C ALA B 231 12.88 -2.70 4.51
N VAL B 232 12.10 -3.61 5.09
CA VAL B 232 11.56 -3.42 6.43
C VAL B 232 12.38 -4.24 7.43
N ALA B 233 13.05 -3.57 8.36
CA ALA B 233 13.94 -4.22 9.31
C ALA B 233 13.18 -5.01 10.36
N GLY B 234 13.82 -6.06 10.87
CA GLY B 234 13.31 -6.77 12.03
C GLY B 234 13.82 -6.08 13.27
N PHE B 235 13.18 -6.35 14.40
CA PHE B 235 13.70 -5.91 15.70
C PHE B 235 13.56 -7.06 16.68
N ASP B 236 14.68 -7.46 17.26
CA ASP B 236 14.69 -8.57 18.20
C ASP B 236 15.49 -8.17 19.43
N SER B 237 14.79 -8.06 20.57
CA SER B 237 15.41 -7.67 21.82
C SER B 237 16.27 -8.78 22.41
N GLU B 238 16.21 -9.96 21.79
CA GLU B 238 17.02 -11.09 22.25
C GLU B 238 18.23 -11.31 21.32
N ASN B 239 18.48 -10.35 20.44
CA ASN B 239 19.63 -10.39 19.56
C ASN B 239 20.93 -10.45 20.37
N LYS B 240 21.72 -11.49 20.12
CA LYS B 240 22.93 -11.74 20.92
C LYS B 240 24.19 -11.20 20.27
N GLU B 241 24.06 -10.65 19.06
CA GLU B 241 25.24 -10.12 18.36
C GLU B 241 25.76 -8.89 19.10
N PRO B 242 27.05 -8.56 18.91
CA PRO B 242 27.60 -7.40 19.61
C PRO B 242 26.84 -6.11 19.32
N HIS B 243 26.53 -5.37 20.37
CA HIS B 243 25.90 -4.07 20.23
C HIS B 243 26.86 -3.09 19.56
N LEU B 244 26.32 -2.26 18.68
CA LEU B 244 27.13 -1.25 18.02
C LEU B 244 26.86 0.14 18.60
N VAL B 245 27.90 0.77 19.13
CA VAL B 245 27.81 2.17 19.53
C VAL B 245 27.86 3.04 18.28
N VAL B 246 26.69 3.50 17.84
CA VAL B 246 26.56 4.17 16.55
C VAL B 246 27.44 5.42 16.44
N ASP B 247 27.43 6.25 17.48
CA ASP B 247 28.30 7.43 17.50
C ASP B 247 29.74 7.01 17.74
N GLY B 248 30.51 6.89 16.66
CA GLY B 248 31.90 6.50 16.75
C GLY B 248 32.15 5.08 16.24
N LEU B 249 31.06 4.38 15.89
CA LEU B 249 31.12 3.00 15.42
C LEU B 249 31.96 2.12 16.35
N GLY B 250 31.64 2.13 17.63
CA GLY B 250 32.41 1.40 18.61
C GLY B 250 31.65 0.35 19.40
N ARG B 251 32.20 -0.05 20.54
CA ARG B 251 31.62 -1.11 21.35
C ARG B 251 31.55 -0.73 22.83
N TYR B 252 30.72 -1.44 23.58
CA TYR B 252 30.75 -1.41 25.03
C TYR B 252 31.21 -2.79 25.51
N VAL B 253 31.91 -2.85 26.63
CA VAL B 253 32.59 -4.06 27.05
C VAL B 253 32.12 -4.53 28.39
N ILE B 254 32.02 -5.82 28.54
CA ILE B 254 31.66 -6.42 29.79
C ILE B 254 32.92 -6.97 30.45
N GLY B 255 33.11 -6.62 31.71
CA GLY B 255 34.26 -7.00 32.51
C GLY B 255 34.37 -8.42 33.03
N GLN B 256 35.51 -8.73 33.63
CA GLN B 256 35.77 -10.08 34.10
C GLN B 256 34.72 -10.44 35.14
N ASP B 257 34.42 -9.51 36.03
CA ASP B 257 33.20 -9.59 36.78
C ASP B 257 32.18 -9.25 35.74
N GLY B 258 31.03 -9.91 35.70
CA GLY B 258 30.21 -9.81 34.51
C GLY B 258 29.46 -8.50 34.54
N ASN B 259 30.21 -7.42 34.46
CA ASN B 259 29.64 -6.12 34.61
C ASN B 259 30.22 -5.17 33.60
N PRO B 260 29.41 -4.22 33.17
CA PRO B 260 29.84 -3.25 32.15
C PRO B 260 30.97 -2.35 32.64
N ILE B 261 31.92 -2.07 31.76
CA ILE B 261 33.00 -1.18 32.06
C ILE B 261 32.60 0.26 31.84
N ARG B 262 32.70 1.03 32.90
CA ARG B 262 32.38 2.45 32.83
C ARG B 262 33.60 3.32 33.09
N GLU B 263 33.45 4.62 32.86
CA GLU B 263 34.52 5.58 33.13
C GLU B 263 34.55 5.98 34.59
N GLU B 264 35.60 6.73 34.96
CA GLU B 264 35.77 7.19 36.34
C GLU B 264 34.51 7.89 36.83
N SER B 265 33.96 7.36 37.92
CA SER B 265 32.71 7.87 38.48
C SER B 265 33.00 8.76 39.69
N SER B 273 25.91 5.68 38.55
CA SER B 273 27.28 5.37 38.15
C SER B 273 27.70 6.17 36.91
N GLY B 274 28.94 6.00 36.48
CA GLY B 274 29.48 6.76 35.37
C GLY B 274 29.04 6.26 34.00
N GLU B 275 29.47 6.97 32.96
CA GLU B 275 29.14 6.62 31.58
C GLU B 275 29.87 5.35 31.15
N LEU B 276 29.19 4.53 30.36
CA LEU B 276 29.81 3.34 29.77
C LEU B 276 31.00 3.77 28.91
N LYS B 277 32.15 3.14 29.10
CA LYS B 277 33.34 3.50 28.35
C LYS B 277 33.27 3.00 26.90
N PHE B 278 33.46 3.94 25.98
CA PHE B 278 33.54 3.65 24.55
C PHE B 278 34.81 2.86 24.26
N PHE B 279 34.67 1.79 23.50
CA PHE B 279 35.83 1.06 23.01
C PHE B 279 35.88 1.12 21.50
N SER B 280 37.04 1.48 20.96
CA SER B 280 37.28 1.36 19.53
C SER B 280 37.17 -0.13 19.18
N GLN B 281 36.66 -0.42 18.01
CA GLN B 281 36.59 -1.79 17.60
C GLN B 281 38.01 -2.30 17.61
N LYS B 282 38.92 -1.42 17.24
CA LYS B 282 40.33 -1.65 17.16
C LYS B 282 40.95 -1.99 18.51
N LYS B 283 40.36 -1.58 19.62
CA LYS B 283 40.98 -1.83 20.91
C LYS B 283 41.12 -3.29 21.27
N LYS B 284 42.33 -3.69 21.65
CA LYS B 284 42.56 -5.05 22.09
C LYS B 284 41.89 -5.28 23.40
N LEU B 285 41.41 -6.49 23.61
CA LEU B 285 40.62 -6.81 24.78
C LEU B 285 41.30 -7.80 25.74
N GLU B 286 41.26 -7.51 27.02
CA GLU B 286 41.89 -8.34 28.01
C GLU B 286 41.15 -9.64 28.13
N GLU B 287 41.79 -10.63 28.71
CA GLU B 287 41.19 -11.95 28.84
C GLU B 287 39.98 -11.80 29.72
N ASN B 288 38.93 -12.55 29.45
CA ASN B 288 37.74 -12.45 30.26
C ASN B 288 36.92 -11.18 30.05
N GLN B 289 37.15 -10.50 28.95
CA GLN B 289 36.28 -9.38 28.61
C GLN B 289 35.59 -9.75 27.32
N ARG B 290 34.32 -9.37 27.17
CA ARG B 290 33.60 -9.54 25.91
C ARG B 290 32.73 -8.33 25.61
N TYR B 291 32.42 -8.14 24.34
CA TYR B 291 31.58 -7.04 23.94
C TYR B 291 30.22 -7.20 24.49
N MET B 292 29.62 -6.08 24.83
CA MET B 292 28.22 -6.08 25.24
C MET B 292 27.33 -6.46 24.06
N ARG B 293 26.40 -7.39 24.29
CA ARG B 293 25.47 -7.81 23.27
C ARG B 293 24.32 -6.82 23.16
N VAL B 294 23.59 -6.90 22.04
CA VAL B 294 22.42 -6.06 21.82
C VAL B 294 21.37 -6.27 22.91
N ASP B 295 21.12 -7.53 23.26
CA ASP B 295 20.08 -7.85 24.24
C ASP B 295 20.44 -7.29 25.60
N GLU B 296 21.73 -7.19 25.89
CA GLU B 296 22.19 -6.65 27.16
C GLU B 296 22.05 -5.14 27.20
N TYR B 297 22.42 -4.47 26.11
CA TYR B 297 22.31 -3.02 26.02
C TYR B 297 20.87 -2.57 26.19
N LEU B 298 19.95 -3.28 25.55
CA LEU B 298 18.54 -2.94 25.59
C LEU B 298 17.95 -3.14 26.98
N LYS B 299 18.61 -3.94 27.81
CA LYS B 299 18.11 -4.23 29.15
C LYS B 299 18.69 -3.30 30.21
N LEU B 300 19.65 -2.46 29.80
CA LEU B 300 20.18 -1.44 30.70
C LEU B 300 19.07 -0.50 31.15
N ASP B 301 19.06 -0.17 32.44
CA ASP B 301 18.02 0.67 33.01
C ASP B 301 17.96 2.05 32.35
N GLU B 302 19.13 2.61 32.05
CA GLU B 302 19.20 3.92 31.41
C GLU B 302 18.60 3.85 30.00
N VAL B 303 18.73 2.68 29.36
CA VAL B 303 18.20 2.48 28.02
C VAL B 303 16.70 2.22 28.06
N GLN B 304 16.26 1.46 29.05
CA GLN B 304 14.84 1.15 29.21
C GLN B 304 14.02 2.38 29.57
N LYS B 305 14.62 3.29 30.32
CA LYS B 305 13.98 4.57 30.64
C LYS B 305 13.82 5.39 29.36
N ARG B 306 14.79 5.23 28.47
CA ARG B 306 14.93 6.07 27.30
C ARG B 306 14.24 5.50 26.07
N PHE B 307 14.25 4.18 25.96
CA PHE B 307 13.80 3.49 24.76
C PHE B 307 12.92 2.30 25.09
N PRO B 308 11.63 2.38 24.73
CA PRO B 308 10.68 1.29 24.98
C PRO B 308 10.91 0.09 24.06
N GLY B 309 12.17 -0.35 23.95
CA GLY B 309 12.51 -1.51 23.13
C GLY B 309 12.74 -2.72 24.01
N ALA B 310 12.37 -2.60 25.27
CA ALA B 310 12.49 -3.70 26.21
C ALA B 310 11.53 -4.83 25.83
N GLY B 311 12.09 -5.97 25.47
CA GLY B 311 11.29 -7.15 25.19
C GLY B 311 10.44 -7.06 23.93
N LYS B 312 10.62 -6.00 23.15
CA LYS B 312 9.87 -5.83 21.91
C LYS B 312 10.39 -6.78 20.83
N LYS B 313 9.49 -7.31 20.02
CA LYS B 313 9.87 -8.11 18.87
C LYS B 313 9.04 -7.75 17.65
N LEU B 314 9.72 -7.26 16.61
CA LEU B 314 9.07 -6.90 15.35
C LEU B 314 9.59 -7.76 14.21
N ASP B 315 8.68 -8.27 13.38
CA ASP B 315 9.07 -9.03 12.21
C ASP B 315 9.55 -8.10 11.11
N GLY B 316 10.62 -8.50 10.44
CA GLY B 316 11.12 -7.77 9.29
C GLY B 316 10.59 -8.38 8.02
N GLY B 317 10.97 -7.80 6.88
CA GLY B 317 10.55 -8.32 5.60
C GLY B 317 9.04 -8.24 5.38
N LEU B 318 8.50 -9.30 4.80
CA LEU B 318 7.08 -9.41 4.54
C LEU B 318 6.64 -10.82 4.89
N PRO B 319 5.56 -10.96 5.69
CA PRO B 319 5.16 -12.29 6.17
C PRO B 319 4.77 -13.26 5.04
N GLY B 320 5.34 -14.46 5.08
CA GLY B 320 5.10 -15.46 4.07
C GLY B 320 6.25 -15.56 3.07
N LEU B 321 6.87 -14.42 2.79
CA LEU B 321 7.97 -14.40 1.83
C LEU B 321 9.26 -14.90 2.44
N LYS B 322 9.94 -15.78 1.72
CA LYS B 322 11.27 -16.21 2.11
C LYS B 322 12.22 -15.08 1.71
N GLU B 323 13.39 -15.05 2.35
CA GLU B 323 14.34 -13.97 2.17
C GLU B 323 14.63 -13.67 0.70
N TYR B 324 14.80 -14.72 -0.10
CA TYR B 324 15.12 -14.52 -1.52
C TYR B 324 13.91 -14.00 -2.29
N GLN B 325 12.71 -14.38 -1.86
CA GLN B 325 11.49 -13.87 -2.48
C GLN B 325 11.27 -12.41 -2.12
N TYR B 326 11.70 -12.02 -0.93
CA TYR B 326 11.58 -10.64 -0.47
C TYR B 326 12.47 -9.71 -1.30
N LEU B 327 13.67 -10.18 -1.63
CA LEU B 327 14.57 -9.41 -2.48
C LEU B 327 13.94 -9.18 -3.85
N GLN B 328 13.21 -10.18 -4.33
CA GLN B 328 12.48 -10.06 -5.59
C GLN B 328 11.45 -8.93 -5.52
N ARG B 329 10.73 -8.85 -4.40
CA ARG B 329 9.79 -7.76 -4.17
C ARG B 329 10.52 -6.42 -4.15
N LEU B 330 11.68 -6.40 -3.50
CA LEU B 330 12.47 -5.19 -3.35
C LEU B 330 13.10 -4.72 -4.67
N ASN B 331 13.26 -5.64 -5.62
CA ASN B 331 13.88 -5.30 -6.89
C ASN B 331 12.89 -5.33 -8.05
N SER B 332 11.61 -5.19 -7.72
CA SER B 332 10.54 -5.39 -8.70
C SER B 332 10.27 -4.15 -9.54
N ILE B 333 9.40 -4.31 -10.52
CA ILE B 333 8.94 -3.20 -11.35
C ILE B 333 8.26 -2.15 -10.47
N ASN B 334 7.62 -2.60 -9.39
CA ASN B 334 7.00 -1.70 -8.43
C ASN B 334 8.01 -0.77 -7.78
N ARG B 335 9.15 -1.32 -7.36
CA ARG B 335 10.22 -0.51 -6.83
C ARG B 335 10.69 0.50 -7.87
N ALA B 336 10.84 0.05 -9.12
CA ALA B 336 11.30 0.91 -10.21
C ALA B 336 10.39 2.12 -10.42
N ARG B 337 9.08 1.90 -10.39
CA ARG B 337 8.11 2.99 -10.53
C ARG B 337 8.19 3.98 -9.36
N CYS B 338 8.46 3.46 -8.17
CA CYS B 338 8.66 4.32 -7.01
C CYS B 338 9.88 5.21 -7.18
N GLU B 339 10.92 4.66 -7.81
CA GLU B 339 12.16 5.39 -7.99
C GLU B 339 12.13 6.30 -9.21
N ASN B 340 11.11 6.15 -10.05
CA ASN B 340 11.07 6.90 -11.32
C ASN B 340 9.79 7.72 -11.55
N ASP B 341 8.77 7.51 -10.72
CA ASP B 341 7.50 8.19 -10.93
C ASP B 341 7.06 8.92 -9.67
N VAL B 342 7.20 10.24 -9.68
CA VAL B 342 6.87 11.07 -8.53
C VAL B 342 5.44 10.84 -8.03
N ASP B 343 4.49 10.85 -8.96
CA ASP B 343 3.08 10.67 -8.59
C ASP B 343 2.81 9.30 -8.00
N PHE B 344 3.43 8.26 -8.55
CA PHE B 344 3.21 6.91 -8.06
C PHE B 344 3.75 6.75 -6.64
N CYS B 345 4.99 7.16 -6.44
CA CYS B 345 5.66 7.02 -5.16
C CYS B 345 4.92 7.81 -4.07
N LEU B 346 4.55 9.04 -4.39
CA LEU B 346 3.80 9.88 -3.48
C LEU B 346 2.45 9.22 -3.17
N GLY B 347 1.83 8.63 -4.19
CA GLY B 347 0.59 7.90 -4.02
C GLY B 347 0.72 6.71 -3.08
N GLN B 348 1.86 6.02 -3.15
CA GLN B 348 2.12 4.90 -2.25
C GLN B 348 2.24 5.40 -0.82
N LEU B 349 2.96 6.51 -0.66
CA LEU B 349 3.16 7.11 0.65
C LEU B 349 1.87 7.68 1.24
N GLN B 350 1.02 8.28 0.41
CA GLN B 350 -0.21 8.86 0.95
C GLN B 350 -1.19 7.77 1.39
N THR B 351 -1.26 6.70 0.62
CA THR B 351 -2.09 5.55 0.98
C THR B 351 -1.58 4.92 2.28
N ALA B 352 -0.25 4.77 2.38
CA ALA B 352 0.34 4.23 3.60
C ALA B 352 0.01 5.12 4.79
N HIS B 353 0.14 6.42 4.58
CA HIS B 353 -0.06 7.41 5.62
C HIS B 353 -1.49 7.39 6.16
N HIS B 354 -2.46 7.30 5.25
CA HIS B 354 -3.85 7.37 5.66
C HIS B 354 -4.38 6.02 6.14
N GLN B 355 -3.66 4.95 5.83
CA GLN B 355 -3.96 3.64 6.38
C GLN B 355 -3.68 3.64 7.88
N THR B 356 -2.65 4.38 8.27
CA THR B 356 -2.27 4.46 9.69
C THR B 356 -3.29 5.27 10.48
N LYS B 357 -4.10 6.07 9.77
CA LYS B 357 -5.14 6.86 10.40
C LYS B 357 -6.48 6.13 10.35
N ILE B 358 -6.45 4.86 10.02
CA ILE B 358 -7.64 4.00 10.06
C ILE B 358 -7.71 3.24 11.38
N MET C 3 32.51 -25.99 15.34
CA MET C 3 32.44 -24.54 15.27
C MET C 3 31.21 -24.07 14.49
N GLN C 4 30.43 -23.19 15.10
CA GLN C 4 29.27 -22.64 14.42
C GLN C 4 29.30 -21.12 14.43
N ILE C 5 28.87 -20.52 13.32
CA ILE C 5 28.82 -19.07 13.20
C ILE C 5 27.40 -18.60 12.96
N PHE C 6 27.14 -17.32 13.21
CA PHE C 6 25.81 -16.77 13.04
C PHE C 6 25.79 -15.71 11.94
N VAL C 7 24.88 -15.88 10.99
CA VAL C 7 24.73 -14.95 9.89
C VAL C 7 23.40 -14.23 10.00
N LYS C 8 23.43 -12.91 10.13
CA LYS C 8 22.22 -12.14 10.37
C LYS C 8 21.83 -11.25 9.19
N THR C 9 20.53 -11.17 8.92
CA THR C 9 20.02 -10.28 7.89
C THR C 9 19.36 -9.07 8.54
N LEU C 10 19.15 -8.04 7.74
CA LEU C 10 18.47 -6.85 8.21
C LEU C 10 17.03 -7.13 8.65
N THR C 11 16.37 -8.01 7.91
CA THR C 11 15.00 -8.39 8.18
C THR C 11 14.87 -9.20 9.47
N GLY C 12 15.99 -9.48 10.13
CA GLY C 12 15.98 -10.04 11.46
C GLY C 12 16.12 -11.55 11.55
N LYS C 13 16.48 -12.18 10.43
CA LYS C 13 16.69 -13.62 10.43
C LYS C 13 18.09 -13.96 10.90
N THR C 14 18.24 -15.09 11.59
CA THR C 14 19.54 -15.54 12.05
C THR C 14 19.83 -16.94 11.55
N ILE C 15 20.81 -17.06 10.66
CA ILE C 15 21.19 -18.35 10.10
C ILE C 15 22.38 -18.94 10.84
N THR C 16 22.16 -20.08 11.49
CA THR C 16 23.24 -20.76 12.20
C THR C 16 23.89 -21.78 11.29
N LEU C 17 25.21 -21.70 11.15
CA LEU C 17 25.94 -22.57 10.23
C LEU C 17 27.05 -23.36 10.91
N GLU C 18 27.00 -24.69 10.77
CA GLU C 18 28.10 -25.53 11.20
C GLU C 18 29.25 -25.41 10.21
N VAL C 19 30.37 -24.84 10.67
CA VAL C 19 31.47 -24.51 9.78
C VAL C 19 32.83 -24.84 10.40
N GLU C 20 33.84 -25.04 9.56
CA GLU C 20 35.22 -25.19 10.03
C GLU C 20 36.10 -24.07 9.43
N PRO C 21 37.16 -23.68 10.15
CA PRO C 21 38.00 -22.53 9.77
C PRO C 21 38.51 -22.51 8.33
N SER C 22 38.66 -23.68 7.72
CA SER C 22 39.22 -23.74 6.36
C SER C 22 38.16 -23.60 5.28
N ASP C 23 36.90 -23.46 5.68
CA ASP C 23 35.82 -23.25 4.71
C ASP C 23 35.98 -21.91 4.03
N THR C 24 35.81 -21.90 2.71
CA THR C 24 35.90 -20.67 1.95
C THR C 24 34.56 -19.93 1.95
N ILE C 25 34.56 -18.73 1.38
CA ILE C 25 33.39 -17.86 1.46
C ILE C 25 32.22 -18.41 0.62
N GLU C 26 32.52 -19.26 -0.36
CA GLU C 26 31.46 -19.79 -1.21
C GLU C 26 30.85 -21.02 -0.55
N ASN C 27 31.70 -21.78 0.15
CA ASN C 27 31.21 -22.85 1.00
C ASN C 27 30.19 -22.29 1.96
N VAL C 28 30.55 -21.19 2.60
CA VAL C 28 29.63 -20.46 3.46
C VAL C 28 28.38 -20.05 2.68
N LYS C 29 28.59 -19.45 1.51
CA LYS C 29 27.47 -18.99 0.69
C LYS C 29 26.68 -20.18 0.14
N ALA C 30 27.37 -21.27 -0.17
CA ALA C 30 26.70 -22.49 -0.63
C ALA C 30 25.86 -23.07 0.51
N LYS C 31 26.40 -23.03 1.72
CA LYS C 31 25.68 -23.51 2.89
C LYS C 31 24.42 -22.69 3.11
N ILE C 32 24.53 -21.38 2.90
CA ILE C 32 23.39 -20.48 3.05
C ILE C 32 22.32 -20.78 1.99
N GLN C 33 22.76 -21.04 0.75
CA GLN C 33 21.82 -21.40 -0.30
C GLN C 33 21.08 -22.69 0.03
N ASP C 34 21.82 -23.68 0.51
CA ASP C 34 21.21 -24.98 0.81
C ASP C 34 20.29 -24.89 2.02
N LYS C 35 20.50 -23.88 2.86
CA LYS C 35 19.70 -23.75 4.08
C LYS C 35 18.55 -22.77 3.91
N GLU C 36 18.74 -21.74 3.09
CA GLU C 36 17.73 -20.69 2.95
C GLU C 36 17.27 -20.44 1.52
N GLY C 37 17.91 -21.09 0.55
CA GLY C 37 17.52 -20.94 -0.85
C GLY C 37 17.92 -19.61 -1.45
N ILE C 38 18.80 -18.89 -0.77
CA ILE C 38 19.34 -17.64 -1.31
C ILE C 38 20.49 -17.93 -2.26
N PRO C 39 20.33 -17.56 -3.54
CA PRO C 39 21.40 -17.78 -4.52
C PRO C 39 22.68 -17.03 -4.15
N PRO C 40 23.84 -17.71 -4.20
CA PRO C 40 25.15 -17.12 -3.88
C PRO C 40 25.41 -15.82 -4.67
N ASP C 41 24.87 -15.73 -5.87
CA ASP C 41 24.95 -14.53 -6.71
C ASP C 41 24.50 -13.26 -5.99
N GLN C 42 23.52 -13.40 -5.12
CA GLN C 42 22.91 -12.25 -4.48
C GLN C 42 23.34 -12.11 -3.02
N GLN C 43 24.36 -12.86 -2.63
CA GLN C 43 24.85 -12.84 -1.26
C GLN C 43 26.07 -11.95 -1.09
N ARG C 44 26.00 -11.02 -0.15
CA ARG C 44 27.18 -10.29 0.27
C ARG C 44 27.34 -10.48 1.75
N LEU C 45 28.46 -11.03 2.14
CA LEU C 45 28.74 -11.33 3.54
C LEU C 45 29.69 -10.32 4.15
N ILE C 46 29.35 -9.84 5.34
CA ILE C 46 30.17 -8.85 6.04
C ILE C 46 30.61 -9.35 7.40
N PHE C 47 31.89 -9.13 7.72
CA PHE C 47 32.39 -9.39 9.06
C PHE C 47 33.33 -8.27 9.49
N ALA C 48 33.11 -7.76 10.71
CA ALA C 48 33.91 -6.66 11.25
C ALA C 48 33.91 -5.44 10.33
N GLY C 49 32.78 -5.20 9.68
CA GLY C 49 32.63 -4.05 8.81
C GLY C 49 33.31 -4.19 7.45
N LYS C 50 33.86 -5.36 7.18
CA LYS C 50 34.58 -5.60 5.93
C LYS C 50 33.87 -6.64 5.06
N GLN C 51 33.79 -6.36 3.76
CA GLN C 51 33.14 -7.28 2.83
C GLN C 51 34.06 -8.45 2.49
N LEU C 52 33.53 -9.67 2.63
CA LEU C 52 34.34 -10.87 2.51
C LEU C 52 34.52 -11.31 1.06
N GLU C 53 35.78 -11.52 0.67
CA GLU C 53 36.11 -11.79 -0.72
C GLU C 53 35.88 -13.26 -1.07
N ASP C 54 35.42 -13.49 -2.29
CA ASP C 54 35.20 -14.85 -2.77
C ASP C 54 36.52 -15.58 -3.02
N GLY C 55 36.66 -16.76 -2.42
CA GLY C 55 37.84 -17.58 -2.63
C GLY C 55 38.76 -17.65 -1.43
N ARG C 56 38.59 -16.73 -0.49
CA ARG C 56 39.38 -16.76 0.74
C ARG C 56 38.61 -17.53 1.81
N THR C 57 39.24 -17.76 2.96
CA THR C 57 38.64 -18.60 3.99
C THR C 57 38.28 -17.80 5.24
N LEU C 58 37.56 -18.45 6.16
CA LEU C 58 37.12 -17.81 7.40
C LEU C 58 38.28 -17.50 8.35
N SER C 59 39.26 -18.40 8.40
CA SER C 59 40.42 -18.20 9.26
C SER C 59 41.28 -17.05 8.75
N ASP C 60 41.13 -16.73 7.46
CA ASP C 60 41.80 -15.57 6.87
C ASP C 60 41.29 -14.26 7.46
N TYR C 61 40.04 -14.24 7.94
CA TYR C 61 39.47 -13.04 8.57
C TYR C 61 39.39 -13.15 10.08
N ASN C 62 39.98 -14.20 10.65
CA ASN C 62 39.91 -14.43 12.08
C ASN C 62 38.47 -14.64 12.56
N ILE C 63 37.65 -15.26 11.71
CA ILE C 63 36.30 -15.64 12.08
C ILE C 63 36.36 -16.92 12.90
N GLN C 64 35.81 -16.87 14.12
CA GLN C 64 35.92 -18.00 15.03
C GLN C 64 34.56 -18.47 15.52
N LYS C 65 34.58 -19.37 16.51
CA LYS C 65 33.37 -19.82 17.18
C LYS C 65 32.57 -18.61 17.69
N GLU C 66 31.24 -18.73 17.66
CA GLU C 66 30.32 -17.71 18.19
C GLU C 66 30.25 -16.44 17.33
N SER C 67 31.05 -16.36 16.28
CA SER C 67 31.19 -15.12 15.52
C SER C 67 29.94 -14.76 14.72
N THR C 68 29.64 -13.47 14.66
CA THR C 68 28.48 -12.98 13.94
C THR C 68 28.88 -12.34 12.60
N LEU C 69 28.21 -12.76 11.54
CA LEU C 69 28.40 -12.16 10.23
C LEU C 69 27.09 -11.50 9.75
N HIS C 70 27.22 -10.51 8.87
CA HIS C 70 26.04 -9.87 8.28
C HIS C 70 25.86 -10.32 6.84
N LEU C 71 24.61 -10.59 6.47
CA LEU C 71 24.27 -10.96 5.11
C LEU C 71 23.44 -9.87 4.45
N VAL C 72 24.03 -9.16 3.50
CA VAL C 72 23.31 -8.19 2.70
C VAL C 72 22.97 -8.78 1.34
N LEU C 73 21.70 -8.68 0.94
CA LEU C 73 21.28 -9.21 -0.35
C LEU C 73 21.28 -8.13 -1.43
N ARG C 74 21.89 -8.43 -2.58
CA ARG C 74 21.94 -7.49 -3.68
C ARG C 74 22.19 -8.18 -5.03
N LEU C 75 21.51 -7.67 -6.07
CA LEU C 75 21.55 -8.23 -7.41
C LEU C 75 22.91 -8.10 -8.11
N ARG C 76 23.15 -8.99 -9.08
CA ARG C 76 24.31 -8.99 -9.99
C ARG C 76 25.56 -8.27 -9.49
N MET D 3 -36.60 24.97 -7.76
CA MET D 3 -36.56 23.52 -7.77
C MET D 3 -35.13 23.00 -7.55
N GLN D 4 -35.00 21.99 -6.72
CA GLN D 4 -33.68 21.42 -6.42
C GLN D 4 -33.68 19.90 -6.63
N ILE D 5 -32.59 19.40 -7.22
CA ILE D 5 -32.41 17.96 -7.38
C ILE D 5 -31.10 17.53 -6.73
N PHE D 6 -30.93 16.22 -6.55
CA PHE D 6 -29.75 15.70 -5.88
C PHE D 6 -28.92 14.79 -6.79
N VAL D 7 -27.64 15.11 -6.92
CA VAL D 7 -26.73 14.30 -7.72
C VAL D 7 -25.71 13.62 -6.83
N LYS D 8 -25.72 12.29 -6.84
CA LYS D 8 -24.86 11.51 -5.95
C LYS D 8 -23.74 10.79 -6.69
N THR D 9 -22.53 10.93 -6.18
CA THR D 9 -21.37 10.22 -6.74
C THR D 9 -21.08 8.96 -5.94
N LEU D 10 -20.27 8.07 -6.52
CA LEU D 10 -19.92 6.81 -5.86
C LEU D 10 -19.18 7.07 -4.56
N THR D 11 -18.32 8.09 -4.57
CA THR D 11 -17.52 8.45 -3.41
C THR D 11 -18.32 9.09 -2.28
N GLY D 12 -19.63 9.13 -2.45
CA GLY D 12 -20.52 9.52 -1.37
C GLY D 12 -20.75 11.02 -1.27
N LYS D 13 -20.73 11.72 -2.39
CA LYS D 13 -21.01 13.15 -2.36
C LYS D 13 -22.37 13.46 -2.96
N THR D 14 -23.06 14.38 -2.31
CA THR D 14 -24.41 14.76 -2.68
C THR D 14 -24.41 16.16 -3.27
N ILE D 15 -24.62 16.26 -4.59
CA ILE D 15 -24.60 17.56 -5.26
C ILE D 15 -26.00 18.16 -5.28
N THR D 16 -26.26 19.10 -4.38
CA THR D 16 -27.51 19.84 -4.42
C THR D 16 -27.46 20.89 -5.52
N LEU D 17 -28.28 20.71 -6.54
CA LEU D 17 -28.31 21.64 -7.65
C LEU D 17 -29.55 22.52 -7.61
N GLU D 18 -29.41 23.76 -8.07
CA GLU D 18 -30.56 24.63 -8.27
C GLU D 18 -30.95 24.60 -9.74
N VAL D 19 -32.15 24.09 -10.01
CA VAL D 19 -32.54 23.66 -11.35
C VAL D 19 -33.97 24.11 -11.65
N GLU D 20 -34.34 24.22 -12.93
CA GLU D 20 -35.73 24.42 -13.30
C GLU D 20 -36.15 23.40 -14.37
N PRO D 21 -37.43 22.95 -14.34
CA PRO D 21 -37.92 21.68 -14.89
C PRO D 21 -37.37 21.15 -16.23
N SER D 22 -36.74 21.95 -17.09
CA SER D 22 -36.28 21.43 -18.36
C SER D 22 -35.09 22.19 -18.94
N ASP D 23 -34.15 22.59 -18.09
CA ASP D 23 -32.80 22.79 -18.56
C ASP D 23 -32.47 21.46 -19.20
N THR D 24 -32.02 21.44 -20.45
CA THR D 24 -31.67 20.16 -21.07
C THR D 24 -30.50 19.51 -20.31
N ILE D 25 -30.16 18.27 -20.63
CA ILE D 25 -29.18 17.56 -19.83
C ILE D 25 -27.75 18.01 -20.14
N GLU D 26 -27.55 18.70 -21.27
CA GLU D 26 -26.28 19.36 -21.52
C GLU D 26 -26.03 20.40 -20.43
N ASN D 27 -27.03 21.24 -20.19
CA ASN D 27 -26.93 22.34 -19.24
C ASN D 27 -26.64 21.90 -17.81
N VAL D 28 -27.31 20.84 -17.34
CA VAL D 28 -27.05 20.35 -15.99
C VAL D 28 -25.63 19.77 -15.93
N LYS D 29 -25.22 19.12 -17.02
CA LYS D 29 -23.85 18.63 -17.11
C LYS D 29 -22.88 19.79 -17.20
N ALA D 30 -23.36 20.91 -17.73
CA ALA D 30 -22.57 22.14 -17.75
C ALA D 30 -22.63 22.81 -16.38
N LYS D 31 -23.73 22.60 -15.67
CA LYS D 31 -23.86 23.12 -14.30
C LYS D 31 -22.91 22.39 -13.37
N ILE D 32 -22.73 21.10 -13.62
CA ILE D 32 -21.82 20.27 -12.83
C ILE D 32 -20.37 20.68 -13.08
N GLN D 33 -20.04 21.00 -14.33
CA GLN D 33 -18.70 21.43 -14.70
C GLN D 33 -18.31 22.72 -13.96
N ASP D 34 -19.30 23.50 -13.53
CA ASP D 34 -19.02 24.79 -12.92
C ASP D 34 -18.76 24.71 -11.42
N LYS D 35 -19.16 23.62 -10.78
CA LYS D 35 -18.94 23.47 -9.34
C LYS D 35 -17.79 22.51 -9.02
N GLU D 36 -17.61 21.48 -9.86
CA GLU D 36 -16.55 20.51 -9.62
C GLU D 36 -15.51 20.47 -10.72
N GLY D 37 -15.73 21.21 -11.78
CA GLY D 37 -14.76 21.36 -12.82
C GLY D 37 -14.68 20.20 -13.77
N ILE D 38 -15.66 19.34 -13.69
CA ILE D 38 -15.63 18.14 -14.49
C ILE D 38 -16.09 18.33 -15.89
N PRO D 39 -15.21 18.06 -16.87
CA PRO D 39 -15.58 18.22 -18.28
C PRO D 39 -16.70 17.27 -18.67
N PRO D 40 -17.77 17.79 -19.29
CA PRO D 40 -18.92 17.00 -19.73
C PRO D 40 -18.49 15.77 -20.51
N ASP D 41 -17.31 15.83 -21.10
CA ASP D 41 -16.77 14.74 -21.87
C ASP D 41 -16.79 13.50 -21.00
N GLN D 42 -16.61 13.70 -19.73
CA GLN D 42 -16.43 12.62 -18.81
C GLN D 42 -17.63 12.37 -17.93
N GLN D 43 -18.76 12.95 -18.28
CA GLN D 43 -19.96 12.78 -17.47
C GLN D 43 -20.91 11.69 -17.97
N ARG D 44 -21.51 11.00 -17.01
CA ARG D 44 -22.65 10.10 -17.24
C ARG D 44 -23.67 10.27 -16.15
N LEU D 45 -24.83 10.83 -16.51
CA LEU D 45 -25.87 11.08 -15.51
C LEU D 45 -26.96 10.01 -15.59
N ILE D 46 -27.29 9.46 -14.43
CA ILE D 46 -28.28 8.38 -14.33
C ILE D 46 -29.49 8.80 -13.50
N PHE D 47 -30.68 8.44 -13.97
CA PHE D 47 -31.89 8.62 -13.18
C PHE D 47 -32.80 7.41 -13.36
N ALA D 48 -33.22 6.82 -12.26
CA ALA D 48 -34.07 5.63 -12.26
C ALA D 48 -33.45 4.49 -13.07
N GLY D 49 -32.12 4.38 -13.02
CA GLY D 49 -31.40 3.34 -13.72
C GLY D 49 -31.23 3.62 -15.20
N LYS D 50 -31.64 4.82 -15.60
CA LYS D 50 -31.58 5.25 -16.99
C LYS D 50 -30.57 6.37 -17.17
N GLN D 51 -29.69 6.27 -18.17
CA GLN D 51 -28.77 7.37 -18.41
C GLN D 51 -29.40 8.39 -19.34
N LEU D 52 -29.29 9.65 -18.97
CA LEU D 52 -30.00 10.73 -19.64
C LEU D 52 -29.27 11.20 -20.88
N GLU D 53 -29.79 10.82 -22.04
CA GLU D 53 -29.24 11.29 -23.31
C GLU D 53 -29.53 12.78 -23.45
N ASP D 54 -28.63 13.49 -24.13
CA ASP D 54 -28.72 14.94 -24.19
C ASP D 54 -29.27 15.44 -25.52
N GLY D 55 -29.92 16.60 -25.45
CA GLY D 55 -30.83 17.02 -26.49
C GLY D 55 -32.22 16.82 -25.94
N ARG D 56 -32.32 15.89 -24.99
CA ARG D 56 -33.51 15.73 -24.18
C ARG D 56 -33.35 16.54 -22.90
N THR D 57 -34.14 16.25 -21.88
CA THR D 57 -34.24 17.20 -20.77
C THR D 57 -35.05 16.70 -19.56
N LEU D 58 -35.00 17.47 -18.47
CA LEU D 58 -35.46 17.03 -17.14
C LEU D 58 -36.93 16.62 -17.03
N SER D 59 -37.85 17.54 -17.27
CA SER D 59 -39.27 17.23 -17.14
C SER D 59 -39.71 16.14 -18.11
N ASP D 60 -38.96 15.96 -19.20
CA ASP D 60 -39.16 14.80 -20.06
C ASP D 60 -38.89 13.51 -19.29
N TYR D 61 -37.88 13.51 -18.44
CA TYR D 61 -37.58 12.32 -17.64
C TYR D 61 -38.39 12.32 -16.34
N ASN D 62 -39.30 13.29 -16.24
CA ASN D 62 -40.16 13.47 -15.06
C ASN D 62 -39.40 13.47 -13.73
N ILE D 63 -38.49 14.42 -13.57
CA ILE D 63 -37.79 14.61 -12.30
C ILE D 63 -38.36 15.85 -11.58
N GLN D 64 -39.09 15.60 -10.50
CA GLN D 64 -39.61 16.69 -9.68
C GLN D 64 -38.69 16.94 -8.49
N LYS D 65 -39.11 17.86 -7.63
CA LYS D 65 -38.31 18.28 -6.47
C LYS D 65 -37.89 17.10 -5.59
N GLU D 66 -36.74 17.27 -4.94
CA GLU D 66 -36.18 16.32 -3.98
C GLU D 66 -35.86 14.95 -4.57
N SER D 67 -35.62 14.90 -5.88
CA SER D 67 -35.23 13.64 -6.51
C SER D 67 -33.72 13.44 -6.50
N THR D 68 -33.33 12.20 -6.72
CA THR D 68 -31.94 11.79 -6.61
C THR D 68 -31.44 11.23 -7.93
N LEU D 69 -30.30 11.74 -8.39
CA LEU D 69 -29.66 11.23 -9.59
C LEU D 69 -28.26 10.72 -9.27
N HIS D 70 -27.71 9.94 -10.20
CA HIS D 70 -26.36 9.39 -10.03
C HIS D 70 -25.41 9.96 -11.07
N LEU D 71 -24.22 10.37 -10.61
CA LEU D 71 -23.19 10.86 -11.50
C LEU D 71 -22.05 9.85 -11.62
N VAL D 72 -21.87 9.31 -12.80
CA VAL D 72 -20.87 8.31 -13.04
C VAL D 72 -19.79 8.80 -13.95
N LEU D 73 -18.58 8.75 -13.44
CA LEU D 73 -17.43 9.31 -14.09
C LEU D 73 -16.77 8.42 -15.10
N ARG D 74 -16.36 9.03 -16.18
CA ARG D 74 -15.70 8.33 -17.25
C ARG D 74 -14.23 8.75 -17.35
N LEU D 75 -13.34 7.79 -17.56
CA LEU D 75 -11.94 8.13 -17.71
C LEU D 75 -11.76 8.67 -19.11
N ARG D 76 -10.73 9.48 -19.31
CA ARG D 76 -10.50 10.06 -20.61
C ARG D 76 -9.17 9.64 -21.19
#